data_4GRL
#
_entry.id   4GRL
#
_cell.length_a   72.011
_cell.length_b   125.583
_cell.length_c   134.794
_cell.angle_alpha   90.00
_cell.angle_beta   90.00
_cell.angle_gamma   90.00
#
_symmetry.space_group_name_H-M   'P 21 21 21'
#
loop_
_entity.id
_entity.type
_entity.pdbx_description
1 polymer 'MHC class II HLA-DQ-alpha chain'
2 polymer 'MHC class II antigen'
3 polymer 'TCR Hy.1B11 alpha chain'
4 polymer 'TCR Hy.1B11 beta chain'
5 non-polymer 2-acetamido-2-deoxy-beta-D-glucopyranose
6 water water
#
loop_
_entity_poly.entity_id
_entity_poly.type
_entity_poly.pdbx_seq_one_letter_code
_entity_poly.pdbx_strand_id
1 'polypeptide(L)'
;DIVADHVASCGVNLYQFYGPSGQYTHEFDGDEQFYVDLERKETAWRWPEFSKFGGFDPQGALRNMAVAKHNLNIMIKRYN
STAATNEVPEVTVFSKSPVTLGQPNTLICLVDNIFPPVVNITWLSNGQSVTEGVSETSFLSKSDHSFFKISYLTFLPSAD
EIYDCKVEHWGLDQPLLKHWEPE
;
A
2 'polypeptide(L)'
;EGRDSPEDFVYQFKGLCYFTNGTERVRGVTRHIYNREEYVRFDSDVGVYRAVTPQGRPVAEYWNSQKEVLEGARASVDRV
CRHNYEVAYRGILQRRVEPTVTISPSRTEALNHHNLLICSVTDFYPSQIKVRWFRNDQEETAGVVSTPLIRNGDWTFQIL
VMLEMTPQRGDVYTCHVEHPSLQSPITVEWRAQSESAQSK
;
B
3 'polypeptide(L)'
;MKGENVEQHPSTLSVQEGDSAVIKCTYSDSASNYFPWYKQELGKRPQLIIDIRSNVGEKKDQRIAVTLNKTAKHFSLHIT
ETQPEDSAVYFCAASSFGNEKLTFGTGTRLTIIPNIQNPDPAVYQLRDSKSSDKSVCLFTDFDSQTNVSQSKDSDVYITD
KCVLDMRSMDFKSNSAVAWSNKSDFACANAFNNSIIPEDTFFPSPESSS
;
C
4 'polypeptide(L)'
;MKDRLLMLFAKDVVSRNGGSGGGGGGAGVSQTPSNKVTEKGKYVELRCDPISGHTALYWYRQSLGQGPEFLIYFQGTGAA
DDSGLPNDRFFAVRPEGSVSTLKIQRTERGDSAVYLCATSALGDTQYFGPGTRLTVLEDLKNVFPPEVAVFEPSEAEISH
TQKATLVCLATGFYPDHVELSWWVNGKEVHSGVCTDPQPLKEQPALNDSRYSLSSRLRVSATFWQNPRNHFRCQVQFYGL
SENDEWTQDRAKPVTQIVSAEAWGRADS
;
D
#
loop_
_chem_comp.id
_chem_comp.type
_chem_comp.name
_chem_comp.formula
NAG D-saccharide, beta linking 2-acetamido-2-deoxy-beta-D-glucopyranose 'C8 H15 N O6'
#
# COMPACT_ATOMS: atom_id res chain seq x y z
N ASP A 1 10.61 -27.24 -20.32
CA ASP A 1 10.54 -28.19 -19.22
C ASP A 1 11.65 -27.89 -18.22
N ILE A 2 11.27 -27.60 -16.96
CA ILE A 2 12.25 -27.27 -15.93
C ILE A 2 12.43 -28.39 -14.91
N VAL A 3 13.61 -29.01 -14.89
CA VAL A 3 13.90 -30.05 -13.90
C VAL A 3 14.22 -29.45 -12.52
N ALA A 4 13.60 -30.04 -11.50
CA ALA A 4 13.77 -29.61 -10.11
C ALA A 4 13.33 -30.69 -9.12
N ASP A 5 13.97 -30.69 -7.96
CA ASP A 5 13.63 -31.57 -6.87
C ASP A 5 12.26 -31.22 -6.34
N HIS A 6 11.99 -29.94 -6.21
CA HIS A 6 10.70 -29.49 -5.68
C HIS A 6 10.28 -28.20 -6.36
N VAL A 7 8.98 -27.89 -6.29
CA VAL A 7 8.50 -26.62 -6.81
C VAL A 7 7.32 -26.07 -6.05
N ALA A 8 7.49 -24.90 -5.47
CA ALA A 8 6.38 -24.15 -4.89
C ALA A 8 5.70 -23.20 -5.87
N SER A 9 4.48 -22.82 -5.56
CA SER A 9 3.82 -21.69 -6.16
C SER A 9 3.65 -20.76 -5.01
N CYS A 10 4.48 -19.72 -4.93
CA CYS A 10 4.29 -18.67 -3.93
C CYS A 10 3.44 -17.62 -4.59
N GLY A 11 2.21 -18.02 -4.81
CA GLY A 11 1.20 -17.18 -5.39
C GLY A 11 0.75 -17.83 -6.67
N VAL A 12 -0.41 -18.50 -6.60
CA VAL A 12 -1.22 -18.67 -7.79
C VAL A 12 -2.28 -17.59 -7.63
N ASN A 13 -2.34 -16.68 -8.60
CA ASN A 13 -3.25 -15.56 -8.54
C ASN A 13 -4.26 -15.68 -9.67
N LEU A 14 -5.47 -16.09 -9.30
CA LEU A 14 -6.51 -16.32 -10.31
C LEU A 14 -7.53 -15.17 -10.28
N TYR A 15 -7.79 -14.58 -11.44
CA TYR A 15 -8.83 -13.56 -11.56
C TYR A 15 -9.58 -13.76 -12.86
N GLN A 16 -10.90 -13.74 -12.78
CA GLN A 16 -11.70 -13.90 -13.99
C GLN A 16 -12.82 -12.89 -14.04
N PHE A 17 -13.19 -12.52 -15.27
CA PHE A 17 -14.16 -11.46 -15.50
C PHE A 17 -15.55 -11.87 -15.05
N TYR A 18 -15.92 -13.13 -15.30
CA TYR A 18 -17.22 -13.64 -14.86
C TYR A 18 -17.30 -13.60 -13.35
N GLY A 19 -18.22 -12.78 -12.84
CA GLY A 19 -18.36 -12.60 -11.42
C GLY A 19 -18.41 -11.14 -11.04
N PRO A 20 -17.24 -10.48 -11.01
CA PRO A 20 -15.94 -11.14 -11.19
C PRO A 20 -15.46 -11.76 -9.89
N SER A 21 -14.54 -12.73 -9.95
CA SER A 21 -14.01 -13.30 -8.72
C SER A 21 -12.55 -13.69 -8.82
N GLY A 22 -11.93 -13.94 -7.67
CA GLY A 22 -10.55 -14.34 -7.62
C GLY A 22 -10.25 -15.46 -6.63
N GLN A 23 -9.00 -15.91 -6.61
CA GLN A 23 -8.56 -16.91 -5.65
C GLN A 23 -7.06 -16.72 -5.49
N TYR A 24 -6.58 -16.85 -4.26
CA TYR A 24 -5.14 -16.74 -4.00
C TYR A 24 -4.70 -17.90 -3.09
N THR A 25 -3.77 -18.69 -3.59
CA THR A 25 -3.29 -19.86 -2.88
C THR A 25 -1.77 -20.01 -3.04
N HIS A 26 -1.16 -20.74 -2.11
CA HIS A 26 0.22 -21.17 -2.27
C HIS A 26 0.19 -22.68 -2.32
N GLU A 27 1.13 -23.29 -3.01
CA GLU A 27 1.14 -24.73 -3.13
C GLU A 27 2.58 -25.20 -2.97
N PHE A 28 2.84 -26.27 -2.22
CA PHE A 28 4.23 -26.70 -2.19
C PHE A 28 4.68 -27.76 -3.18
N ASP A 29 4.11 -28.92 -3.21
CA ASP A 29 4.64 -29.84 -4.20
C ASP A 29 3.45 -30.46 -4.87
N GLY A 30 2.44 -29.63 -5.06
CA GLY A 30 1.22 -30.01 -5.73
C GLY A 30 0.08 -29.83 -4.76
N ASP A 31 0.39 -29.40 -3.55
CA ASP A 31 -0.64 -29.40 -2.52
C ASP A 31 -0.83 -28.02 -1.90
N GLU A 32 -2.08 -27.70 -1.57
CA GLU A 32 -2.44 -26.37 -1.06
C GLU A 32 -2.03 -26.12 0.39
N GLN A 33 -1.04 -25.27 0.60
CA GLN A 33 -0.64 -24.92 1.95
C GLN A 33 -1.70 -24.07 2.63
N PHE A 34 -2.21 -23.07 1.91
CA PHE A 34 -3.23 -22.17 2.47
C PHE A 34 -3.95 -21.42 1.37
N TYR A 35 -5.04 -20.75 1.70
CA TYR A 35 -5.63 -19.84 0.75
C TYR A 35 -5.93 -18.50 1.42
N VAL A 36 -6.25 -17.48 0.62
CA VAL A 36 -6.81 -16.27 1.17
C VAL A 36 -8.27 -16.17 0.82
N ASP A 37 -9.07 -15.95 1.86
CA ASP A 37 -10.49 -15.74 1.71
C ASP A 37 -10.69 -14.27 1.38
N LEU A 38 -11.04 -13.99 0.13
CA LEU A 38 -11.08 -12.63 -0.40
C LEU A 38 -12.26 -11.78 0.11
N GLU A 39 -13.39 -12.42 0.34
CA GLU A 39 -14.51 -11.73 0.93
C GLU A 39 -14.15 -11.36 2.37
N ARG A 40 -13.70 -12.36 3.15
CA ARG A 40 -13.38 -12.13 4.56
C ARG A 40 -12.06 -11.40 4.82
N LYS A 41 -11.20 -11.30 3.81
CA LYS A 41 -9.84 -10.78 3.97
C LYS A 41 -9.11 -11.49 5.09
N GLU A 42 -9.00 -12.80 4.97
CA GLU A 42 -8.48 -13.63 6.05
C GLU A 42 -7.76 -14.87 5.50
N THR A 43 -6.51 -15.06 5.91
CA THR A 43 -5.78 -16.24 5.46
C THR A 43 -6.42 -17.45 6.09
N ALA A 44 -6.62 -18.50 5.31
CA ALA A 44 -7.29 -19.70 5.82
C ALA A 44 -6.57 -20.98 5.38
N TRP A 45 -6.51 -21.96 6.27
CA TRP A 45 -5.90 -23.25 5.95
C TRP A 45 -6.96 -24.33 5.88
N ARG A 46 -7.05 -25.02 4.76
CA ARG A 46 -7.97 -26.16 4.68
C ARG A 46 -7.45 -27.26 5.56
N TRP A 47 -6.13 -27.40 5.56
CA TRP A 47 -5.44 -28.37 6.39
C TRP A 47 -4.58 -27.69 7.44
N PRO A 48 -5.19 -27.39 8.60
CA PRO A 48 -4.64 -26.55 9.68
C PRO A 48 -3.28 -27.00 10.20
N GLU A 49 -2.88 -28.24 9.96
CA GLU A 49 -1.60 -28.73 10.46
C GLU A 49 -0.43 -27.93 9.82
N PHE A 50 -0.77 -27.08 8.86
CA PHE A 50 0.19 -26.27 8.12
C PHE A 50 0.36 -24.81 8.55
N SER A 51 -0.48 -24.35 9.47
CA SER A 51 -0.25 -23.04 10.05
C SER A 51 1.15 -23.06 10.67
N LYS A 52 1.53 -24.22 11.22
CA LYS A 52 2.83 -24.43 11.86
C LYS A 52 4.02 -23.87 11.08
N PHE A 53 3.89 -23.79 9.75
CA PHE A 53 4.94 -23.18 8.95
C PHE A 53 4.46 -22.14 7.95
N GLY A 54 4.38 -20.90 8.39
CA GLY A 54 4.10 -19.81 7.49
C GLY A 54 2.74 -19.15 7.64
N GLY A 55 2.73 -17.95 8.20
CA GLY A 55 1.56 -17.11 8.18
C GLY A 55 1.54 -16.32 6.88
N PHE A 56 0.51 -15.50 6.68
CA PHE A 56 0.37 -14.74 5.47
C PHE A 56 -0.62 -13.61 5.65
N ASP A 57 -0.18 -12.42 5.27
CA ASP A 57 -0.95 -11.22 5.37
C ASP A 57 -1.93 -11.22 4.21
N PRO A 58 -3.24 -11.33 4.54
CA PRO A 58 -4.33 -11.31 3.56
C PRO A 58 -4.20 -10.14 2.60
N GLN A 59 -3.56 -9.07 3.07
CA GLN A 59 -3.43 -7.85 2.28
C GLN A 59 -2.59 -8.08 1.03
N GLY A 60 -1.58 -8.92 1.14
CA GLY A 60 -0.76 -9.25 -0.02
C GLY A 60 -1.58 -9.80 -1.16
N ALA A 61 -2.65 -10.51 -0.83
CA ALA A 61 -3.50 -11.09 -1.87
C ALA A 61 -4.43 -10.05 -2.49
N LEU A 62 -5.20 -9.36 -1.67
CA LEU A 62 -6.10 -8.31 -2.13
C LEU A 62 -5.41 -7.31 -3.06
N ARG A 63 -4.14 -7.05 -2.74
CA ARG A 63 -3.23 -6.27 -3.54
C ARG A 63 -3.09 -6.79 -4.97
N ASN A 64 -2.57 -8.01 -5.11
CA ASN A 64 -2.45 -8.71 -6.39
C ASN A 64 -3.76 -8.99 -7.14
N MET A 65 -4.89 -9.03 -6.40
CA MET A 65 -6.20 -9.15 -7.02
C MET A 65 -6.56 -7.86 -7.75
N ALA A 66 -6.14 -6.74 -7.17
CA ALA A 66 -6.34 -5.43 -7.78
C ALA A 66 -5.58 -5.35 -9.08
N VAL A 67 -4.33 -5.82 -9.05
CA VAL A 67 -3.46 -5.75 -10.23
C VAL A 67 -4.01 -6.63 -11.34
N ALA A 68 -4.41 -7.83 -10.95
CA ALA A 68 -4.96 -8.76 -11.89
C ALA A 68 -6.23 -8.16 -12.47
N LYS A 69 -7.04 -7.51 -11.64
CA LYS A 69 -8.28 -6.92 -12.15
C LYS A 69 -7.98 -5.90 -13.23
N HIS A 70 -6.91 -5.13 -13.02
CA HIS A 70 -6.43 -4.14 -13.97
C HIS A 70 -5.86 -4.81 -15.21
N ASN A 71 -4.90 -5.69 -15.01
CA ASN A 71 -4.21 -6.33 -16.13
C ASN A 71 -5.11 -7.18 -17.03
N LEU A 72 -6.15 -7.79 -16.45
CA LEU A 72 -7.06 -8.61 -17.24
C LEU A 72 -7.74 -7.73 -18.25
N ASN A 73 -8.07 -6.51 -17.85
CA ASN A 73 -8.70 -5.57 -18.76
C ASN A 73 -7.74 -5.16 -19.88
N ILE A 74 -6.47 -4.95 -19.56
CA ILE A 74 -5.47 -4.67 -20.59
C ILE A 74 -5.43 -5.85 -21.57
N MET A 75 -5.20 -7.04 -21.01
CA MET A 75 -5.02 -8.24 -21.82
C MET A 75 -6.25 -8.67 -22.64
N ILE A 76 -7.44 -8.35 -22.16
CA ILE A 76 -8.63 -8.63 -22.94
C ILE A 76 -8.53 -7.91 -24.28
N LYS A 77 -8.16 -6.63 -24.22
CA LYS A 77 -8.05 -5.78 -25.40
C LYS A 77 -7.04 -6.28 -26.43
N ARG A 78 -5.82 -6.54 -25.96
CA ARG A 78 -4.76 -7.06 -26.84
C ARG A 78 -5.17 -8.35 -27.56
N TYR A 79 -6.04 -9.13 -26.93
CA TYR A 79 -6.45 -10.41 -27.50
C TYR A 79 -7.80 -10.35 -28.23
N ASN A 80 -8.23 -9.15 -28.61
CA ASN A 80 -9.49 -8.93 -29.34
C ASN A 80 -10.72 -9.51 -28.66
N SER A 81 -10.76 -9.43 -27.33
CA SER A 81 -11.90 -9.94 -26.56
C SER A 81 -12.11 -11.44 -26.76
N THR A 82 -11.01 -12.21 -26.81
CA THR A 82 -11.11 -13.66 -27.06
C THR A 82 -11.53 -14.43 -25.82
N ALA A 83 -12.80 -14.83 -25.78
CA ALA A 83 -13.35 -15.54 -24.63
C ALA A 83 -12.70 -16.91 -24.40
N ALA A 84 -12.66 -17.33 -23.13
CA ALA A 84 -12.06 -18.60 -22.74
C ALA A 84 -12.79 -19.81 -23.31
N THR A 85 -12.03 -20.76 -23.86
CA THR A 85 -12.61 -22.04 -24.31
C THR A 85 -13.03 -22.92 -23.12
N ASN A 86 -14.34 -23.17 -23.01
CA ASN A 86 -14.84 -24.14 -22.06
C ASN A 86 -14.17 -25.49 -22.29
N GLU A 87 -13.68 -26.12 -21.22
CA GLU A 87 -13.08 -27.45 -21.33
C GLU A 87 -14.04 -28.51 -20.84
N VAL A 88 -13.77 -29.77 -21.20
CA VAL A 88 -14.56 -30.91 -20.71
C VAL A 88 -13.85 -31.64 -19.57
N PRO A 89 -14.32 -31.44 -18.31
CA PRO A 89 -13.61 -31.97 -17.14
C PRO A 89 -13.70 -33.50 -16.98
N GLU A 90 -12.65 -34.11 -16.43
CA GLU A 90 -12.65 -35.54 -16.17
C GLU A 90 -12.88 -35.81 -14.70
N VAL A 91 -14.08 -36.26 -14.37
CA VAL A 91 -14.41 -36.69 -13.03
C VAL A 91 -14.06 -38.16 -12.82
N THR A 92 -13.48 -38.47 -11.66
CA THR A 92 -13.26 -39.85 -11.24
C THR A 92 -13.52 -39.99 -9.74
N VAL A 93 -14.01 -41.15 -9.31
CA VAL A 93 -14.37 -41.35 -7.91
C VAL A 93 -13.73 -42.60 -7.30
N PHE A 94 -13.03 -42.41 -6.18
CA PHE A 94 -12.33 -43.49 -5.50
C PHE A 94 -12.28 -43.24 -3.99
N SER A 95 -11.90 -44.26 -3.23
CA SER A 95 -11.83 -44.14 -1.77
C SER A 95 -10.43 -43.78 -1.32
N LYS A 96 -10.32 -43.11 -0.18
CA LYS A 96 -9.01 -42.83 0.41
C LYS A 96 -8.33 -44.16 0.73
N SER A 97 -8.91 -44.91 1.65
CA SER A 97 -8.36 -46.22 2.03
C SER A 97 -9.27 -47.38 1.58
N PRO A 98 -8.74 -48.62 1.57
CA PRO A 98 -9.53 -49.81 1.23
C PRO A 98 -10.91 -49.90 1.89
N VAL A 99 -11.86 -50.52 1.18
CA VAL A 99 -13.25 -50.55 1.62
C VAL A 99 -13.61 -51.74 2.52
N THR A 100 -14.02 -51.45 3.76
CA THR A 100 -14.53 -52.47 4.66
C THR A 100 -15.84 -52.04 5.34
N LEU A 101 -16.90 -52.81 5.12
CA LEU A 101 -18.22 -52.42 5.56
C LEU A 101 -18.26 -52.22 7.08
N GLY A 102 -18.69 -51.04 7.52
CA GLY A 102 -18.69 -50.72 8.93
C GLY A 102 -17.49 -49.87 9.34
N GLN A 103 -16.56 -49.71 8.42
CA GLN A 103 -15.34 -48.93 8.69
C GLN A 103 -15.46 -47.53 8.09
N PRO A 104 -15.30 -46.50 8.93
CA PRO A 104 -15.51 -45.14 8.42
C PRO A 104 -14.45 -44.77 7.38
N ASN A 105 -14.89 -44.18 6.27
CA ASN A 105 -13.98 -43.86 5.17
C ASN A 105 -14.30 -42.51 4.55
N THR A 106 -13.41 -42.03 3.68
CA THR A 106 -13.65 -40.81 2.93
C THR A 106 -13.65 -41.07 1.43
N LEU A 107 -14.73 -40.71 0.76
CA LEU A 107 -14.79 -40.78 -0.70
C LEU A 107 -14.18 -39.54 -1.34
N ILE A 108 -13.46 -39.72 -2.44
CA ILE A 108 -12.74 -38.63 -3.10
C ILE A 108 -13.22 -38.40 -4.54
N CYS A 109 -13.78 -37.23 -4.82
CA CYS A 109 -14.18 -36.90 -6.18
C CYS A 109 -13.18 -35.94 -6.86
N LEU A 110 -12.50 -36.45 -7.88
CA LEU A 110 -11.44 -35.72 -8.56
C LEU A 110 -11.93 -35.19 -9.89
N VAL A 111 -12.05 -33.87 -9.98
CA VAL A 111 -12.43 -33.19 -11.22
C VAL A 111 -11.21 -32.53 -11.88
N ASP A 112 -10.69 -33.18 -12.91
CA ASP A 112 -9.51 -32.73 -13.61
C ASP A 112 -9.91 -31.93 -14.85
N ASN A 113 -8.93 -31.24 -15.45
CA ASN A 113 -9.12 -30.46 -16.68
C ASN A 113 -10.28 -29.45 -16.61
N ILE A 114 -10.42 -28.81 -15.44
CA ILE A 114 -11.41 -27.77 -15.24
C ILE A 114 -10.95 -26.46 -15.87
N PHE A 115 -11.74 -25.96 -16.83
CA PHE A 115 -11.54 -24.62 -17.34
C PHE A 115 -12.78 -24.11 -18.08
N PRO A 116 -13.21 -22.88 -17.76
CA PRO A 116 -12.68 -21.99 -16.73
C PRO A 116 -12.94 -22.50 -15.31
N PRO A 117 -12.37 -21.87 -14.27
CA PRO A 117 -12.56 -22.41 -12.92
C PRO A 117 -13.93 -22.09 -12.35
N VAL A 118 -14.97 -22.68 -12.95
CA VAL A 118 -16.33 -22.56 -12.44
C VAL A 118 -16.98 -23.96 -12.43
N VAL A 119 -17.16 -24.53 -11.25
CA VAL A 119 -17.76 -25.86 -11.13
C VAL A 119 -18.50 -26.09 -9.80
N ASN A 120 -19.73 -26.58 -9.92
CA ASN A 120 -20.50 -27.08 -8.79
C ASN A 120 -20.24 -28.59 -8.65
N ILE A 121 -19.71 -29.03 -7.51
CA ILE A 121 -19.51 -30.46 -7.21
C ILE A 121 -20.33 -30.83 -5.98
N THR A 122 -21.38 -31.63 -6.18
CA THR A 122 -22.16 -32.16 -5.05
C THR A 122 -22.13 -33.68 -5.02
N TRP A 123 -22.50 -34.24 -3.89
CA TRP A 123 -22.62 -35.69 -3.77
C TRP A 123 -24.08 -36.10 -3.71
N LEU A 124 -24.35 -37.35 -4.07
CA LEU A 124 -25.67 -37.91 -3.95
C LEU A 124 -25.58 -39.23 -3.19
N SER A 125 -26.51 -39.45 -2.27
CA SER A 125 -26.58 -40.73 -1.56
C SER A 125 -27.96 -41.32 -1.79
N ASN A 126 -27.99 -42.45 -2.50
CA ASN A 126 -29.23 -43.05 -2.97
C ASN A 126 -30.04 -42.08 -3.84
N GLY A 127 -29.35 -41.26 -4.64
CA GLY A 127 -30.00 -40.35 -5.55
C GLY A 127 -30.49 -39.05 -4.93
N GLN A 128 -30.23 -38.87 -3.64
CA GLN A 128 -30.61 -37.65 -2.93
C GLN A 128 -29.37 -36.84 -2.55
N SER A 129 -29.53 -35.52 -2.43
CA SER A 129 -28.39 -34.66 -2.11
C SER A 129 -27.87 -34.88 -0.69
N VAL A 130 -26.55 -34.95 -0.56
CA VAL A 130 -25.90 -35.02 0.74
C VAL A 130 -25.17 -33.73 1.00
N THR A 131 -25.34 -33.18 2.20
CA THR A 131 -24.59 -31.99 2.56
C THR A 131 -23.66 -32.28 3.74
N GLU A 132 -24.05 -33.27 4.54
CA GLU A 132 -23.31 -33.67 5.73
C GLU A 132 -22.05 -34.45 5.36
N GLY A 133 -20.89 -33.96 5.81
CA GLY A 133 -19.63 -34.68 5.64
C GLY A 133 -18.94 -34.40 4.32
N VAL A 134 -19.31 -33.27 3.70
CA VAL A 134 -18.71 -32.85 2.44
C VAL A 134 -17.76 -31.67 2.63
N SER A 135 -16.62 -31.71 1.95
CA SER A 135 -15.66 -30.59 1.96
C SER A 135 -14.78 -30.61 0.70
N GLU A 136 -14.19 -29.45 0.37
CA GLU A 136 -13.43 -29.32 -0.88
C GLU A 136 -12.02 -28.80 -0.68
N THR A 137 -11.23 -29.00 -1.72
CA THR A 137 -9.95 -28.33 -1.91
C THR A 137 -10.29 -27.08 -2.69
N SER A 138 -9.31 -26.20 -2.81
CA SER A 138 -9.47 -25.01 -3.65
C SER A 138 -9.12 -25.42 -5.06
N PHE A 139 -9.28 -24.49 -6.01
CA PHE A 139 -8.85 -24.78 -7.37
C PHE A 139 -7.33 -24.94 -7.39
N LEU A 140 -6.88 -26.16 -7.63
CA LEU A 140 -5.44 -26.42 -7.69
C LEU A 140 -4.91 -26.23 -9.11
N SER A 141 -3.64 -25.90 -9.26
CA SER A 141 -3.13 -25.46 -10.55
C SER A 141 -2.40 -26.56 -11.31
N LYS A 142 -2.32 -26.40 -12.63
CA LYS A 142 -1.73 -27.38 -13.53
C LYS A 142 -0.86 -26.66 -14.57
N SER A 143 0.23 -27.30 -14.98
CA SER A 143 1.17 -26.66 -15.86
C SER A 143 0.59 -26.28 -17.23
N ASP A 144 -0.58 -26.81 -17.55
CA ASP A 144 -1.30 -26.31 -18.73
C ASP A 144 -2.31 -25.23 -18.36
N HIS A 145 -2.18 -24.69 -17.15
CA HIS A 145 -2.93 -23.51 -16.71
C HIS A 145 -4.44 -23.70 -16.64
N SER A 146 -4.89 -24.94 -16.83
CA SER A 146 -6.22 -25.38 -16.42
C SER A 146 -6.14 -25.76 -14.95
N PHE A 147 -7.27 -26.07 -14.32
CA PHE A 147 -7.28 -26.42 -12.89
C PHE A 147 -7.89 -27.80 -12.57
N PHE A 148 -7.54 -28.36 -11.41
CA PHE A 148 -8.31 -29.47 -10.83
C PHE A 148 -8.83 -29.15 -9.43
N LYS A 149 -9.88 -29.86 -9.01
CA LYS A 149 -10.51 -29.65 -7.70
C LYS A 149 -11.04 -30.99 -7.18
N ILE A 150 -11.04 -31.14 -5.85
CA ILE A 150 -11.30 -32.42 -5.23
C ILE A 150 -12.27 -32.29 -4.05
N SER A 151 -13.45 -32.89 -4.18
CA SER A 151 -14.39 -32.92 -3.06
C SER A 151 -14.32 -34.24 -2.32
N TYR A 152 -14.56 -34.16 -1.00
CA TYR A 152 -14.50 -35.32 -0.11
C TYR A 152 -15.82 -35.58 0.59
N LEU A 153 -16.33 -36.80 0.50
CA LEU A 153 -17.42 -37.25 1.38
C LEU A 153 -16.93 -38.28 2.41
N THR A 154 -17.06 -37.97 3.70
CA THR A 154 -16.82 -38.95 4.75
C THR A 154 -18.08 -39.80 4.86
N PHE A 155 -17.94 -41.12 4.97
CA PHE A 155 -19.10 -41.99 5.01
C PHE A 155 -18.92 -43.32 5.73
N LEU A 156 -20.05 -43.97 6.00
CA LEU A 156 -20.09 -45.30 6.60
C LEU A 156 -20.56 -46.28 5.51
N PRO A 157 -19.65 -47.12 4.99
CA PRO A 157 -19.94 -48.01 3.87
C PRO A 157 -20.92 -49.06 4.33
N SER A 158 -22.12 -49.06 3.76
CA SER A 158 -23.18 -49.87 4.30
C SER A 158 -23.65 -50.91 3.32
N ALA A 159 -24.42 -51.86 3.86
CA ALA A 159 -25.06 -52.93 3.10
C ALA A 159 -25.60 -52.40 1.78
N ASP A 160 -26.42 -51.36 1.83
CA ASP A 160 -26.72 -50.61 0.61
C ASP A 160 -26.99 -49.11 0.77
N GLU A 161 -25.98 -48.35 0.34
CA GLU A 161 -26.13 -46.96 -0.07
C GLU A 161 -25.36 -46.93 -1.39
N ILE A 162 -25.87 -46.18 -2.36
CA ILE A 162 -25.13 -46.01 -3.60
C ILE A 162 -24.79 -44.55 -3.90
N TYR A 163 -23.51 -44.28 -4.06
CA TYR A 163 -23.06 -42.89 -4.17
C TYR A 163 -22.78 -42.44 -5.60
N ASP A 164 -23.06 -41.16 -5.82
CA ASP A 164 -22.76 -40.50 -7.08
C ASP A 164 -22.10 -39.16 -6.78
N CYS A 165 -21.26 -38.70 -7.71
CA CYS A 165 -20.69 -37.38 -7.63
C CYS A 165 -21.26 -36.55 -8.77
N LYS A 166 -22.01 -35.50 -8.44
CA LYS A 166 -22.63 -34.64 -9.46
C LYS A 166 -21.77 -33.42 -9.81
N VAL A 167 -21.30 -33.38 -11.06
CA VAL A 167 -20.46 -32.29 -11.54
C VAL A 167 -21.15 -31.44 -12.62
N GLU A 168 -21.19 -30.13 -12.39
CA GLU A 168 -21.86 -29.20 -13.30
C GLU A 168 -20.85 -28.23 -13.92
N HIS A 169 -20.86 -28.12 -15.25
CA HIS A 169 -19.87 -27.30 -15.93
C HIS A 169 -20.39 -26.83 -17.29
N TRP A 170 -19.73 -25.82 -17.85
CA TRP A 170 -20.13 -25.24 -19.11
C TRP A 170 -19.55 -26.04 -20.27
N GLY A 171 -18.60 -26.91 -19.97
CA GLY A 171 -18.08 -27.82 -20.97
C GLY A 171 -18.94 -29.07 -21.01
N LEU A 172 -19.94 -29.12 -20.13
CA LEU A 172 -20.84 -30.27 -20.02
C LEU A 172 -22.23 -29.89 -20.45
N ASP A 173 -22.79 -30.65 -21.39
CA ASP A 173 -24.11 -30.38 -21.91
C ASP A 173 -25.19 -30.58 -20.86
N GLN A 174 -24.90 -31.46 -19.91
CA GLN A 174 -25.85 -31.80 -18.87
C GLN A 174 -25.07 -32.28 -17.66
N PRO A 175 -25.62 -32.08 -16.45
CA PRO A 175 -24.95 -32.47 -15.20
C PRO A 175 -24.42 -33.89 -15.32
N LEU A 176 -23.14 -34.07 -15.01
CA LEU A 176 -22.50 -35.36 -15.20
C LEU A 176 -22.37 -36.13 -13.88
N LEU A 177 -22.95 -37.33 -13.84
CA LEU A 177 -22.84 -38.19 -12.67
C LEU A 177 -21.75 -39.22 -12.83
N LYS A 178 -20.96 -39.42 -11.77
CA LYS A 178 -19.99 -40.50 -11.74
C LYS A 178 -20.38 -41.41 -10.56
N HIS A 179 -20.46 -42.71 -10.79
CA HIS A 179 -21.00 -43.61 -9.75
C HIS A 179 -19.92 -44.29 -8.92
N TRP A 180 -20.27 -44.64 -7.69
CA TRP A 180 -19.41 -45.46 -6.83
C TRP A 180 -20.23 -46.22 -5.77
N GLU A 181 -20.14 -47.55 -5.81
CA GLU A 181 -20.86 -48.40 -4.85
C GLU A 181 -19.90 -49.38 -4.20
N PRO A 182 -20.14 -49.72 -2.92
CA PRO A 182 -19.24 -50.60 -2.18
C PRO A 182 -19.17 -52.03 -2.73
N SER B 5 -24.26 -20.54 -22.67
CA SER B 5 -23.20 -20.43 -21.68
C SER B 5 -22.60 -19.02 -21.58
N PRO B 6 -22.38 -18.55 -20.34
CA PRO B 6 -21.75 -17.25 -20.05
C PRO B 6 -20.37 -17.14 -20.67
N GLU B 7 -20.04 -15.98 -21.23
CA GLU B 7 -18.70 -15.78 -21.76
C GLU B 7 -17.77 -15.24 -20.67
N ASP B 8 -16.61 -15.86 -20.56
CA ASP B 8 -15.69 -15.58 -19.47
C ASP B 8 -14.31 -15.22 -20.05
N PHE B 9 -13.50 -14.56 -19.25
CA PHE B 9 -12.14 -14.24 -19.63
C PHE B 9 -11.30 -14.45 -18.41
N VAL B 10 -10.15 -15.10 -18.56
CA VAL B 10 -9.39 -15.50 -17.39
C VAL B 10 -7.93 -15.02 -17.36
N TYR B 11 -7.52 -14.58 -16.18
CA TYR B 11 -6.16 -14.12 -15.89
C TYR B 11 -5.57 -15.00 -14.79
N GLN B 12 -4.39 -15.56 -15.06
CA GLN B 12 -3.61 -16.27 -14.07
C GLN B 12 -2.25 -15.62 -13.99
N PHE B 13 -1.77 -15.41 -12.77
CA PHE B 13 -0.42 -14.92 -12.55
C PHE B 13 0.24 -15.80 -11.50
N LYS B 14 1.17 -16.65 -11.93
CA LYS B 14 1.82 -17.57 -11.01
C LYS B 14 3.27 -17.17 -10.73
N GLY B 15 3.62 -17.11 -9.46
CA GLY B 15 5.02 -17.07 -9.07
C GLY B 15 5.48 -18.44 -8.56
N LEU B 16 6.44 -19.03 -9.28
CA LEU B 16 6.91 -20.38 -9.04
C LEU B 16 8.35 -20.40 -8.56
N CYS B 17 8.65 -21.27 -7.62
CA CYS B 17 10.03 -21.45 -7.19
C CYS B 17 10.46 -22.88 -7.45
N TYR B 18 11.55 -23.08 -8.16
CA TYR B 18 12.06 -24.42 -8.43
C TYR B 18 13.35 -24.63 -7.64
N PHE B 19 13.33 -25.59 -6.72
CA PHE B 19 14.51 -25.86 -5.92
C PHE B 19 15.18 -27.14 -6.39
N THR B 20 16.51 -27.20 -6.31
CA THR B 20 17.23 -28.44 -6.58
C THR B 20 18.40 -28.58 -5.62
N ASN B 21 18.59 -29.79 -5.08
CA ASN B 21 19.77 -30.12 -4.28
C ASN B 21 19.88 -29.15 -3.09
N GLY B 22 18.93 -29.30 -2.17
CA GLY B 22 18.79 -28.41 -1.04
C GLY B 22 18.35 -27.06 -1.56
N THR B 23 19.09 -26.03 -1.18
CA THR B 23 18.85 -24.70 -1.72
C THR B 23 20.02 -24.19 -2.54
N GLU B 24 20.84 -25.09 -3.08
CA GLU B 24 22.01 -24.69 -3.87
C GLU B 24 21.62 -24.03 -5.19
N ARG B 25 21.03 -24.79 -6.11
CA ARG B 25 20.49 -24.21 -7.34
C ARG B 25 19.01 -23.84 -7.15
N VAL B 26 18.70 -22.55 -7.09
CA VAL B 26 17.32 -22.08 -6.99
C VAL B 26 16.96 -21.30 -8.24
N ARG B 27 15.71 -21.42 -8.67
CA ARG B 27 15.32 -20.82 -9.92
C ARG B 27 13.89 -20.27 -9.88
N GLY B 28 13.75 -18.96 -10.10
CA GLY B 28 12.46 -18.30 -9.99
C GLY B 28 11.80 -18.05 -11.34
N VAL B 29 10.52 -18.39 -11.48
CA VAL B 29 9.76 -18.10 -12.69
C VAL B 29 8.38 -17.47 -12.39
N THR B 30 8.01 -16.43 -13.15
CA THR B 30 6.66 -15.88 -13.08
C THR B 30 5.98 -15.97 -14.44
N ARG B 31 4.71 -16.37 -14.44
CA ARG B 31 3.98 -16.48 -15.68
C ARG B 31 2.78 -15.57 -15.63
N HIS B 32 2.49 -14.90 -16.74
CA HIS B 32 1.31 -14.07 -16.84
C HIS B 32 0.46 -14.71 -17.90
N ILE B 33 -0.73 -15.16 -17.53
CA ILE B 33 -1.51 -15.99 -18.42
C ILE B 33 -2.88 -15.38 -18.75
N TYR B 34 -3.23 -15.43 -20.03
CA TYR B 34 -4.53 -15.02 -20.48
C TYR B 34 -5.25 -16.28 -20.95
N ASN B 35 -6.36 -16.61 -20.30
CA ASN B 35 -6.98 -17.90 -20.50
C ASN B 35 -5.96 -19.00 -20.24
N ARG B 36 -5.58 -19.73 -21.29
CA ARG B 36 -4.69 -20.87 -21.10
C ARG B 36 -3.27 -20.55 -21.55
N GLU B 37 -3.05 -19.31 -21.91
CA GLU B 37 -1.88 -18.93 -22.69
C GLU B 37 -0.96 -18.01 -21.93
N GLU B 38 0.22 -18.52 -21.59
CA GLU B 38 1.21 -17.67 -20.95
C GLU B 38 1.72 -16.71 -22.01
N TYR B 39 1.63 -15.40 -21.73
CA TYR B 39 2.01 -14.41 -22.73
C TYR B 39 3.33 -13.70 -22.39
N VAL B 40 3.66 -13.61 -21.09
CA VAL B 40 4.96 -13.05 -20.69
C VAL B 40 5.55 -13.68 -19.43
N ARG B 41 6.82 -14.07 -19.54
CA ARG B 41 7.52 -14.83 -18.50
C ARG B 41 8.74 -14.11 -17.97
N PHE B 42 8.91 -14.07 -16.66
CA PHE B 42 10.24 -13.75 -16.14
C PHE B 42 10.89 -15.03 -15.59
N ASP B 43 12.13 -15.29 -16.00
CA ASP B 43 12.81 -16.55 -15.65
C ASP B 43 14.22 -16.21 -15.18
N SER B 44 14.48 -16.44 -13.89
CA SER B 44 15.75 -16.07 -13.27
C SER B 44 17.00 -16.59 -14.01
N ASP B 45 16.81 -17.58 -14.88
CA ASP B 45 17.88 -18.11 -15.71
C ASP B 45 18.08 -17.32 -16.99
N VAL B 46 17.03 -16.62 -17.42
CA VAL B 46 17.12 -15.80 -18.60
C VAL B 46 17.65 -14.43 -18.21
N GLY B 47 17.02 -13.88 -17.18
CA GLY B 47 17.52 -12.69 -16.51
C GLY B 47 16.60 -11.52 -16.70
N VAL B 48 15.72 -11.61 -17.70
CA VAL B 48 14.85 -10.50 -18.07
C VAL B 48 13.48 -11.02 -18.49
N TYR B 49 12.52 -10.11 -18.66
CA TYR B 49 11.20 -10.50 -19.14
C TYR B 49 11.25 -10.92 -20.60
N ARG B 50 10.71 -12.11 -20.89
CA ARG B 50 10.57 -12.55 -22.28
C ARG B 50 9.09 -12.60 -22.65
N ALA B 51 8.81 -12.34 -23.91
CA ALA B 51 7.45 -12.50 -24.40
C ALA B 51 7.31 -13.94 -24.87
N VAL B 52 6.28 -14.63 -24.43
CA VAL B 52 6.07 -15.96 -24.97
C VAL B 52 5.27 -15.87 -26.26
N THR B 53 4.37 -14.90 -26.34
CA THR B 53 3.49 -14.77 -27.49
C THR B 53 3.68 -13.41 -28.13
N PRO B 54 3.08 -13.20 -29.31
CA PRO B 54 3.06 -11.83 -29.85
C PRO B 54 2.54 -10.78 -28.85
N GLN B 55 1.50 -11.14 -28.09
CA GLN B 55 0.77 -10.18 -27.25
C GLN B 55 1.58 -9.70 -26.07
N GLY B 56 2.70 -10.38 -25.80
CA GLY B 56 3.50 -10.10 -24.63
C GLY B 56 4.74 -9.28 -24.93
N ARG B 57 5.00 -9.05 -26.22
CA ARG B 57 6.17 -8.29 -26.66
C ARG B 57 6.28 -6.90 -26.05
N PRO B 58 5.19 -6.09 -26.05
CA PRO B 58 5.37 -4.72 -25.56
C PRO B 58 5.33 -4.59 -24.04
N VAL B 59 4.60 -5.50 -23.39
CA VAL B 59 4.55 -5.54 -21.93
C VAL B 59 5.95 -5.80 -21.40
N ALA B 60 6.60 -6.81 -21.94
CA ALA B 60 7.96 -7.17 -21.53
C ALA B 60 8.97 -6.10 -21.92
N GLU B 61 8.75 -5.44 -23.06
CA GLU B 61 9.61 -4.34 -23.49
C GLU B 61 9.61 -3.26 -22.40
N TYR B 62 8.42 -2.74 -22.11
CA TYR B 62 8.21 -1.74 -21.06
C TYR B 62 8.87 -2.10 -19.72
N TRP B 63 8.42 -3.19 -19.12
CA TRP B 63 8.95 -3.61 -17.82
C TRP B 63 10.47 -3.70 -17.82
N ASN B 64 11.02 -4.20 -18.92
CA ASN B 64 12.46 -4.40 -18.98
C ASN B 64 13.27 -3.12 -18.93
N SER B 65 12.62 -1.99 -19.21
CA SER B 65 13.31 -0.70 -19.23
C SER B 65 13.26 -0.06 -17.85
N GLN B 66 12.15 -0.26 -17.14
CA GLN B 66 12.04 0.19 -15.74
C GLN B 66 13.09 -0.47 -14.86
N LYS B 67 14.13 0.29 -14.51
CA LYS B 67 15.19 -0.20 -13.63
C LYS B 67 14.64 -0.96 -12.42
N GLU B 68 13.57 -0.43 -11.83
CA GLU B 68 13.06 -0.91 -10.55
C GLU B 68 12.26 -2.23 -10.59
N VAL B 69 11.53 -2.45 -11.68
CA VAL B 69 10.80 -3.68 -11.93
C VAL B 69 11.75 -4.84 -12.22
N LEU B 70 12.56 -4.69 -13.27
CA LEU B 70 13.67 -5.60 -13.57
C LEU B 70 14.44 -5.98 -12.30
N GLU B 71 14.91 -4.98 -11.55
CA GLU B 71 15.70 -5.28 -10.37
C GLU B 71 14.88 -6.07 -9.32
N GLY B 72 13.57 -5.83 -9.26
CA GLY B 72 12.73 -6.44 -8.25
C GLY B 72 12.51 -7.90 -8.60
N ALA B 73 12.20 -8.13 -9.86
CA ALA B 73 12.11 -9.48 -10.36
C ALA B 73 13.43 -10.24 -10.20
N ARG B 74 14.57 -9.56 -10.34
CA ARG B 74 15.85 -10.26 -10.18
C ARG B 74 16.09 -10.70 -8.73
N ALA B 75 15.82 -9.80 -7.78
CA ALA B 75 15.95 -10.14 -6.36
C ALA B 75 14.96 -11.23 -5.88
N SER B 76 13.85 -11.41 -6.60
CA SER B 76 12.80 -12.35 -6.20
C SER B 76 13.27 -13.73 -5.72
N VAL B 77 14.21 -14.32 -6.44
CA VAL B 77 14.78 -15.60 -6.04
C VAL B 77 15.37 -15.59 -4.63
N ASP B 78 16.09 -14.54 -4.27
CA ASP B 78 16.69 -14.52 -2.93
C ASP B 78 15.72 -13.94 -1.89
N ARG B 79 14.87 -13.03 -2.30
CA ARG B 79 14.03 -12.33 -1.35
C ARG B 79 12.80 -13.12 -0.98
N VAL B 80 12.28 -13.86 -1.96
CA VAL B 80 11.02 -14.61 -1.81
C VAL B 80 11.24 -16.12 -1.76
N CYS B 81 11.82 -16.66 -2.83
CA CYS B 81 12.10 -18.10 -2.93
C CYS B 81 12.90 -18.62 -1.73
N ARG B 82 14.11 -18.10 -1.55
CA ARG B 82 14.99 -18.57 -0.49
C ARG B 82 14.42 -18.34 0.92
N HIS B 83 13.51 -17.39 1.05
CA HIS B 83 12.90 -17.04 2.32
C HIS B 83 11.85 -18.08 2.65
N ASN B 84 10.98 -18.37 1.68
CA ASN B 84 9.94 -19.37 1.91
C ASN B 84 10.48 -20.78 2.20
N TYR B 85 11.64 -21.10 1.63
CA TYR B 85 12.27 -22.36 1.95
C TYR B 85 12.55 -22.35 3.44
N GLU B 86 13.05 -21.23 3.93
CA GLU B 86 13.38 -21.18 5.35
C GLU B 86 12.13 -21.13 6.25
N VAL B 87 11.11 -20.39 5.84
CA VAL B 87 9.92 -20.24 6.66
C VAL B 87 8.99 -21.46 6.66
N ALA B 88 8.84 -22.11 5.50
CA ALA B 88 7.89 -23.22 5.39
C ALA B 88 8.48 -24.49 4.78
N TYR B 89 8.94 -24.39 3.54
CA TYR B 89 9.32 -25.54 2.71
C TYR B 89 10.27 -26.56 3.37
N ARG B 90 11.21 -26.09 4.17
CA ARG B 90 12.19 -27.00 4.75
C ARG B 90 11.49 -27.95 5.71
N GLY B 91 10.59 -27.41 6.51
CA GLY B 91 9.82 -28.16 7.48
C GLY B 91 8.80 -29.07 6.82
N ILE B 92 8.28 -28.65 5.68
CA ILE B 92 7.33 -29.46 4.95
C ILE B 92 8.07 -30.65 4.36
N LEU B 93 9.32 -30.43 3.95
CA LEU B 93 10.13 -31.53 3.43
C LEU B 93 10.50 -32.54 4.51
N GLN B 94 10.30 -32.16 5.76
CA GLN B 94 10.53 -33.05 6.90
C GLN B 94 9.37 -34.01 7.10
N ARG B 95 8.22 -33.67 6.55
CA ARG B 95 6.98 -34.38 6.78
C ARG B 95 7.04 -35.83 6.32
N ARG B 96 6.77 -36.74 7.24
CA ARG B 96 6.73 -38.17 6.98
C ARG B 96 5.41 -38.73 7.42
N VAL B 97 4.63 -39.29 6.49
CA VAL B 97 3.46 -40.07 6.87
C VAL B 97 3.56 -41.51 6.36
N GLU B 98 3.45 -42.48 7.28
CA GLU B 98 3.61 -43.90 6.94
C GLU B 98 2.47 -44.50 6.11
N PRO B 99 2.85 -45.28 5.09
CA PRO B 99 1.86 -45.99 4.27
C PRO B 99 1.14 -47.12 5.01
N THR B 100 -0.11 -47.30 4.64
CA THR B 100 -0.90 -48.42 5.10
C THR B 100 -0.95 -49.43 3.95
N VAL B 101 -0.38 -50.61 4.17
CA VAL B 101 -0.34 -51.65 3.15
C VAL B 101 -1.38 -52.74 3.40
N THR B 102 -2.27 -52.95 2.45
CA THR B 102 -3.34 -53.90 2.60
C THR B 102 -3.61 -54.68 1.30
N ILE B 103 -3.60 -56.02 1.41
CA ILE B 103 -3.82 -56.92 0.30
C ILE B 103 -5.27 -57.43 0.27
N SER B 104 -5.88 -57.40 -0.91
CA SER B 104 -7.22 -57.93 -1.09
C SER B 104 -7.42 -58.41 -2.52
N PRO B 105 -8.11 -59.57 -2.68
CA PRO B 105 -8.42 -60.09 -4.01
C PRO B 105 -9.69 -59.46 -4.55
N SER B 106 -9.77 -59.28 -5.87
CA SER B 106 -10.89 -58.61 -6.50
C SER B 106 -11.93 -59.59 -7.02
N ASN B 115 -8.51 -64.04 -11.37
CA ASN B 115 -7.56 -64.30 -10.30
C ASN B 115 -6.51 -63.15 -10.13
N LEU B 116 -6.88 -62.10 -9.41
CA LEU B 116 -6.07 -60.88 -9.28
C LEU B 116 -5.92 -60.36 -7.84
N LEU B 117 -4.69 -60.09 -7.43
CA LEU B 117 -4.40 -59.66 -6.06
C LEU B 117 -3.99 -58.16 -6.04
N ILE B 118 -4.69 -57.34 -5.24
CA ILE B 118 -4.50 -55.88 -5.28
C ILE B 118 -3.78 -55.33 -4.03
N CYS B 119 -2.50 -55.03 -4.15
CA CYS B 119 -1.81 -54.39 -3.04
C CYS B 119 -2.11 -52.92 -3.03
N SER B 120 -2.76 -52.48 -1.97
CA SER B 120 -3.24 -51.12 -1.89
C SER B 120 -2.46 -50.33 -0.84
N VAL B 121 -1.41 -49.65 -1.30
CA VAL B 121 -0.57 -48.81 -0.44
C VAL B 121 -1.17 -47.40 -0.31
N THR B 122 -1.60 -47.04 0.89
CA THR B 122 -2.39 -45.81 1.03
C THR B 122 -1.88 -44.82 2.08
N ASP B 123 -2.36 -43.59 1.97
CA ASP B 123 -2.12 -42.54 2.98
C ASP B 123 -0.67 -42.13 3.26
N PHE B 124 0.19 -42.09 2.23
CA PHE B 124 1.59 -41.79 2.50
C PHE B 124 2.06 -40.44 1.95
N TYR B 125 3.17 -39.98 2.51
CA TYR B 125 3.83 -38.75 2.16
C TYR B 125 5.21 -38.79 2.77
N PRO B 126 6.24 -38.43 2.00
CA PRO B 126 6.16 -37.85 0.66
C PRO B 126 5.88 -38.88 -0.43
N SER B 127 6.16 -38.54 -1.68
CA SER B 127 5.66 -39.31 -2.81
C SER B 127 6.50 -40.53 -3.14
N GLN B 128 7.74 -40.56 -2.68
CA GLN B 128 8.65 -41.62 -3.13
C GLN B 128 8.29 -42.96 -2.51
N ILE B 129 7.96 -43.94 -3.34
CA ILE B 129 7.57 -45.26 -2.84
C ILE B 129 8.07 -46.38 -3.75
N LYS B 130 8.61 -47.45 -3.17
CA LYS B 130 8.86 -48.68 -3.93
C LYS B 130 7.87 -49.75 -3.44
N VAL B 131 7.29 -50.49 -4.37
CA VAL B 131 6.37 -51.58 -4.06
C VAL B 131 6.72 -52.83 -4.87
N ARG B 132 7.02 -53.95 -4.20
CA ARG B 132 7.28 -55.18 -4.92
C ARG B 132 6.40 -56.30 -4.42
N TRP B 133 6.10 -57.23 -5.33
CA TRP B 133 5.25 -58.40 -5.09
C TRP B 133 6.10 -59.64 -5.06
N PHE B 134 5.72 -60.62 -4.24
CA PHE B 134 6.41 -61.90 -4.22
C PHE B 134 5.43 -63.08 -4.21
N ARG B 135 5.85 -64.20 -4.80
CA ARG B 135 5.18 -65.50 -4.65
C ARG B 135 6.24 -66.41 -4.10
N ASN B 136 6.10 -66.78 -2.83
CA ASN B 136 7.04 -67.69 -2.14
C ASN B 136 8.49 -67.18 -2.08
N ASP B 137 8.65 -65.90 -1.71
CA ASP B 137 9.98 -65.30 -1.57
C ASP B 137 10.75 -65.34 -2.91
N GLN B 138 10.04 -64.95 -3.96
CA GLN B 138 10.59 -64.86 -5.29
C GLN B 138 9.84 -63.73 -5.98
N GLU B 139 10.55 -62.73 -6.49
CA GLU B 139 9.84 -61.55 -6.95
C GLU B 139 9.09 -61.81 -8.24
N GLU B 140 7.88 -61.29 -8.27
CA GLU B 140 7.01 -61.44 -9.41
C GLU B 140 6.93 -60.10 -10.13
N THR B 141 7.22 -60.11 -11.42
CA THR B 141 7.24 -58.89 -12.25
C THR B 141 6.27 -58.98 -13.43
N ALA B 142 6.43 -60.02 -14.25
CA ALA B 142 5.57 -60.27 -15.38
C ALA B 142 4.08 -60.00 -15.16
N GLY B 143 3.60 -60.28 -13.96
CA GLY B 143 2.18 -60.20 -13.64
C GLY B 143 1.81 -58.96 -12.86
N VAL B 144 2.71 -57.99 -12.81
CA VAL B 144 2.44 -56.76 -12.08
C VAL B 144 1.98 -55.61 -12.96
N VAL B 145 0.90 -54.95 -12.52
CA VAL B 145 0.53 -53.65 -13.04
C VAL B 145 0.45 -52.69 -11.88
N SER B 146 0.83 -51.44 -12.12
CA SER B 146 0.75 -50.43 -11.09
C SER B 146 0.00 -49.26 -11.64
N THR B 147 -0.65 -48.53 -10.76
CA THR B 147 -1.16 -47.25 -11.15
C THR B 147 -0.02 -46.21 -11.05
N PRO B 148 -0.23 -45.04 -11.67
CA PRO B 148 0.64 -43.93 -11.28
C PRO B 148 0.36 -43.62 -9.81
N LEU B 149 1.24 -42.86 -9.17
CA LEU B 149 0.90 -42.21 -7.90
C LEU B 149 -0.43 -41.52 -8.09
N ILE B 150 -1.28 -41.67 -7.09
CA ILE B 150 -2.55 -40.95 -7.05
C ILE B 150 -2.52 -39.93 -5.91
N ARG B 151 -2.91 -38.70 -6.23
CA ARG B 151 -2.88 -37.60 -5.27
C ARG B 151 -4.21 -37.46 -4.59
N ASN B 152 -4.22 -37.60 -3.27
CA ASN B 152 -5.46 -37.56 -2.53
C ASN B 152 -6.02 -36.17 -2.36
N GLY B 153 -5.14 -35.15 -2.44
CA GLY B 153 -5.56 -33.78 -2.30
C GLY B 153 -5.52 -33.33 -0.85
N ASP B 154 -5.61 -34.23 0.11
CA ASP B 154 -5.11 -33.91 1.42
C ASP B 154 -3.63 -34.14 1.25
N TRP B 155 -2.85 -34.13 2.31
CA TRP B 155 -1.43 -34.20 2.04
C TRP B 155 -0.86 -35.61 2.02
N THR B 156 -1.50 -36.48 1.23
CA THR B 156 -1.09 -37.87 1.11
C THR B 156 -1.30 -38.40 -0.30
N PHE B 157 -0.46 -39.36 -0.69
CA PHE B 157 -0.71 -40.13 -1.90
C PHE B 157 -1.26 -41.52 -1.57
N GLN B 158 -1.56 -42.29 -2.62
CA GLN B 158 -1.79 -43.73 -2.52
C GLN B 158 -1.43 -44.32 -3.87
N ILE B 159 -1.30 -45.64 -3.95
CA ILE B 159 -0.93 -46.30 -5.20
C ILE B 159 -1.43 -47.76 -5.18
N LEU B 160 -1.90 -48.27 -6.30
CA LEU B 160 -2.45 -49.62 -6.35
C LEU B 160 -1.61 -50.48 -7.28
N VAL B 161 -1.06 -51.56 -6.74
CA VAL B 161 -0.19 -52.41 -7.56
C VAL B 161 -0.65 -53.89 -7.57
N MET B 162 -1.14 -54.30 -8.74
CA MET B 162 -1.79 -55.58 -8.98
C MET B 162 -0.83 -56.70 -9.35
N LEU B 163 -1.01 -57.87 -8.75
CA LEU B 163 -0.27 -59.05 -9.20
C LEU B 163 -1.25 -60.05 -9.78
N GLU B 164 -0.99 -60.52 -10.99
CA GLU B 164 -1.87 -61.49 -11.60
C GLU B 164 -1.40 -62.88 -11.21
N MET B 165 -2.25 -63.58 -10.47
CA MET B 165 -1.82 -64.74 -9.73
C MET B 165 -2.76 -65.92 -9.99
N THR B 166 -2.20 -67.13 -10.06
CA THR B 166 -3.04 -68.33 -10.14
C THR B 166 -2.80 -69.18 -8.89
N PRO B 167 -3.66 -69.02 -7.88
CA PRO B 167 -3.43 -69.49 -6.51
C PRO B 167 -3.48 -71.01 -6.35
N GLN B 168 -2.56 -71.49 -5.52
CA GLN B 168 -2.39 -72.89 -5.23
C GLN B 168 -2.29 -73.05 -3.72
N ARG B 169 -2.69 -74.20 -3.20
CA ARG B 169 -2.59 -74.49 -1.78
C ARG B 169 -1.12 -74.54 -1.43
N GLY B 170 -0.74 -73.79 -0.40
CA GLY B 170 0.64 -73.73 0.04
C GLY B 170 1.28 -72.37 -0.16
N ASP B 171 0.96 -71.73 -1.29
CA ASP B 171 1.56 -70.47 -1.70
C ASP B 171 1.38 -69.32 -0.72
N VAL B 172 2.48 -68.63 -0.44
CA VAL B 172 2.46 -67.38 0.30
C VAL B 172 2.74 -66.18 -0.63
N TYR B 173 1.88 -65.17 -0.59
CA TYR B 173 2.15 -63.94 -1.32
C TYR B 173 2.54 -62.83 -0.38
N THR B 174 3.45 -61.99 -0.85
CA THR B 174 3.96 -60.88 -0.05
C THR B 174 4.05 -59.60 -0.85
N CYS B 175 3.40 -58.58 -0.34
CA CYS B 175 3.52 -57.23 -0.87
C CYS B 175 4.57 -56.54 -0.03
N HIS B 176 5.60 -56.02 -0.69
CA HIS B 176 6.74 -55.46 0.01
C HIS B 176 6.90 -53.95 -0.27
N VAL B 177 6.93 -53.14 0.79
CA VAL B 177 6.90 -51.68 0.63
C VAL B 177 8.03 -50.92 1.35
N GLU B 178 8.70 -50.05 0.59
CA GLU B 178 9.76 -49.15 1.07
C GLU B 178 9.33 -47.70 0.83
N HIS B 179 9.59 -46.87 1.82
CA HIS B 179 9.18 -45.46 1.84
C HIS B 179 10.09 -44.71 2.81
N PRO B 180 10.42 -43.44 2.51
CA PRO B 180 11.35 -42.68 3.35
C PRO B 180 11.00 -42.66 4.85
N SER B 181 9.71 -42.78 5.17
CA SER B 181 9.23 -42.75 6.57
C SER B 181 9.46 -44.04 7.33
N LEU B 182 9.87 -45.09 6.61
CA LEU B 182 10.05 -46.41 7.22
C LEU B 182 11.52 -46.72 7.38
N GLN B 183 11.90 -47.09 8.61
CA GLN B 183 13.26 -47.53 8.91
C GLN B 183 13.51 -48.86 8.23
N SER B 184 12.48 -49.71 8.22
CA SER B 184 12.52 -51.02 7.59
C SER B 184 11.29 -51.23 6.72
N PRO B 185 11.41 -52.04 5.65
CA PRO B 185 10.29 -52.28 4.74
C PRO B 185 9.08 -52.84 5.46
N ILE B 186 7.89 -52.52 4.97
CA ILE B 186 6.67 -53.17 5.41
C ILE B 186 6.44 -54.36 4.48
N THR B 187 6.10 -55.51 5.05
CA THR B 187 5.70 -56.68 4.27
C THR B 187 4.33 -57.03 4.77
N VAL B 188 3.45 -57.40 3.85
CA VAL B 188 2.12 -57.87 4.23
C VAL B 188 1.88 -59.15 3.46
N GLU B 189 1.47 -60.21 4.17
CA GLU B 189 1.27 -61.51 3.55
C GLU B 189 -0.19 -61.76 3.17
N TRP B 190 -0.38 -62.63 2.18
CA TRP B 190 -1.69 -63.09 1.79
C TRP B 190 -1.58 -64.56 1.44
N ARG B 191 -2.12 -65.42 2.30
CA ARG B 191 -2.02 -66.86 2.12
C ARG B 191 -3.22 -67.34 1.33
N ALA B 192 -2.96 -68.14 0.29
CA ALA B 192 -4.04 -68.71 -0.50
C ALA B 192 -4.93 -69.54 0.43
N GLN B 193 -6.16 -69.06 0.64
CA GLN B 193 -7.11 -69.59 1.65
C GLN B 193 -6.98 -71.07 2.02
N GLU C 4 -2.03 -1.01 12.00
CA GLU C 4 -1.73 -1.21 13.42
C GLU C 4 -1.36 0.10 14.12
N ASN C 5 -0.09 0.28 14.47
CA ASN C 5 0.34 1.48 15.22
C ASN C 5 1.85 1.81 15.27
N VAL C 6 2.14 3.11 15.20
CA VAL C 6 3.51 3.63 15.32
C VAL C 6 3.55 4.81 16.28
N GLU C 7 4.44 4.74 17.28
CA GLU C 7 4.51 5.74 18.33
C GLU C 7 5.74 6.63 18.15
N GLN C 8 5.58 7.94 18.33
CA GLN C 8 6.65 8.89 18.01
C GLN C 8 6.89 9.99 19.06
N HIS C 9 8.14 10.11 19.49
CA HIS C 9 8.54 11.03 20.54
C HIS C 9 9.85 11.71 20.16
N PRO C 10 10.04 12.98 20.58
CA PRO C 10 9.09 13.75 21.41
C PRO C 10 7.99 14.39 20.58
N SER C 11 7.08 15.07 21.26
CA SER C 11 5.97 15.75 20.60
C SER C 11 6.44 17.01 19.87
N THR C 12 7.18 17.87 20.57
CA THR C 12 7.74 19.09 19.98
C THR C 12 9.16 19.20 20.45
N LEU C 13 10.03 19.76 19.62
CA LEU C 13 11.45 19.81 19.93
C LEU C 13 12.08 21.14 19.51
N SER C 14 12.73 21.84 20.44
CA SER C 14 13.48 23.05 20.11
C SER C 14 14.97 22.85 20.31
N VAL C 15 15.74 23.13 19.27
CA VAL C 15 17.17 23.01 19.33
C VAL C 15 17.85 24.23 18.72
N GLN C 16 19.00 24.61 19.30
CA GLN C 16 19.78 25.73 18.79
C GLN C 16 20.32 25.40 17.43
N GLU C 17 20.32 26.38 16.53
CA GLU C 17 21.04 26.24 15.28
C GLU C 17 22.43 25.68 15.57
N GLY C 18 22.80 24.59 14.92
CA GLY C 18 24.09 23.97 15.14
C GLY C 18 24.04 22.64 15.88
N ASP C 19 23.38 22.63 17.04
CA ASP C 19 23.13 21.41 17.81
C ASP C 19 22.42 20.35 16.97
N SER C 20 22.45 19.11 17.42
CA SER C 20 21.78 18.04 16.68
C SER C 20 20.41 17.72 17.27
N ALA C 21 19.49 17.27 16.42
CA ALA C 21 18.15 16.89 16.88
C ALA C 21 17.81 15.42 16.62
N VAL C 22 17.06 14.83 17.55
CA VAL C 22 16.76 13.41 17.51
C VAL C 22 15.28 13.12 17.80
N ILE C 23 14.66 12.35 16.92
CA ILE C 23 13.29 11.89 17.10
C ILE C 23 13.29 10.38 17.17
N LYS C 24 12.67 9.82 18.21
CA LYS C 24 12.64 8.37 18.33
C LYS C 24 11.25 7.84 18.00
N CYS C 25 11.21 6.70 17.32
CA CYS C 25 9.95 6.04 17.02
C CYS C 25 9.98 4.56 17.35
N THR C 26 8.79 4.01 17.45
CA THR C 26 8.65 2.62 17.85
C THR C 26 7.39 2.05 17.21
N TYR C 27 7.49 0.85 16.66
CA TYR C 27 6.39 0.24 15.91
C TYR C 27 5.99 -1.13 16.49
N SER C 28 4.77 -1.57 16.20
CA SER C 28 4.25 -2.78 16.83
C SER C 28 4.39 -4.04 15.95
N ASP C 29 3.80 -4.01 14.76
CA ASP C 29 3.85 -5.15 13.81
C ASP C 29 5.29 -5.50 13.46
N SER C 30 5.72 -6.69 13.90
CA SER C 30 7.10 -7.13 13.69
C SER C 30 7.42 -7.38 12.22
N ALA C 31 6.38 -7.53 11.41
CA ALA C 31 6.52 -7.76 9.96
C ALA C 31 6.94 -6.52 9.14
N SER C 32 6.98 -5.35 9.79
CA SER C 32 7.35 -4.10 9.14
C SER C 32 8.74 -4.18 8.53
N ASN C 33 8.84 -3.94 7.23
CA ASN C 33 10.14 -4.04 6.56
C ASN C 33 10.69 -2.71 6.05
N TYR C 34 9.84 -1.70 5.94
CA TYR C 34 10.26 -0.42 5.37
C TYR C 34 9.79 0.76 6.20
N PHE C 35 10.71 1.71 6.42
CA PHE C 35 10.50 2.81 7.37
C PHE C 35 10.93 4.18 6.82
N PRO C 36 9.98 4.90 6.20
CA PRO C 36 10.39 6.19 5.62
C PRO C 36 10.23 7.29 6.65
N TRP C 37 10.97 8.38 6.50
CA TRP C 37 10.73 9.62 7.26
C TRP C 37 10.31 10.75 6.35
N TYR C 38 9.42 11.61 6.83
CA TYR C 38 8.96 12.75 6.03
C TYR C 38 9.13 14.08 6.77
N LYS C 39 9.47 15.12 6.01
CA LYS C 39 9.48 16.49 6.50
C LYS C 39 8.29 17.19 5.86
N GLN C 40 7.58 17.98 6.66
CA GLN C 40 6.41 18.68 6.15
C GLN C 40 6.49 20.16 6.51
N GLU C 41 6.61 21.01 5.50
CA GLU C 41 6.54 22.43 5.77
C GLU C 41 5.09 22.88 5.75
N LEU C 42 4.79 23.99 6.41
CA LEU C 42 3.40 24.41 6.60
C LEU C 42 2.74 24.71 5.28
N GLY C 43 1.55 24.13 5.07
CA GLY C 43 0.81 24.34 3.83
C GLY C 43 1.27 23.43 2.70
N LYS C 44 2.25 22.57 3.01
CA LYS C 44 2.83 21.66 2.04
C LYS C 44 2.56 20.23 2.46
N ARG C 45 2.82 19.29 1.54
CA ARG C 45 2.67 17.87 1.86
C ARG C 45 3.95 17.29 2.46
N PRO C 46 3.90 16.05 2.93
CA PRO C 46 5.12 15.47 3.48
C PRO C 46 6.16 15.20 2.40
N GLN C 47 7.39 15.62 2.67
CA GLN C 47 8.48 15.41 1.73
C GLN C 47 9.36 14.26 2.16
N LEU C 48 9.50 13.26 1.30
CA LEU C 48 10.26 12.05 1.62
C LEU C 48 11.77 12.34 1.64
N ILE C 49 12.34 12.34 2.84
CA ILE C 49 13.73 12.75 3.03
C ILE C 49 14.71 11.60 3.29
N ILE C 50 14.25 10.53 3.92
CA ILE C 50 15.08 9.35 4.07
C ILE C 50 14.28 8.12 4.48
N ASP C 51 14.74 6.94 4.07
CA ASP C 51 14.06 5.71 4.46
C ASP C 51 15.05 4.57 4.75
N ILE C 52 14.59 3.55 5.47
CA ILE C 52 15.49 2.48 5.86
C ILE C 52 14.73 1.15 5.91
N ARG C 53 15.36 0.09 5.41
CA ARG C 53 14.73 -1.24 5.39
C ARG C 53 15.35 -2.20 6.39
N SER C 54 14.58 -3.19 6.82
CA SER C 54 14.95 -4.07 7.94
C SER C 54 16.17 -4.98 7.74
N ASN C 55 16.91 -4.78 6.65
CA ASN C 55 18.16 -5.49 6.48
C ASN C 55 19.40 -4.63 6.77
N VAL C 56 19.19 -3.40 7.22
CA VAL C 56 20.31 -2.53 7.61
C VAL C 56 20.05 -1.83 8.94
N GLY C 57 21.12 -1.60 9.69
CA GLY C 57 20.99 -1.02 11.01
C GLY C 57 21.10 0.49 11.02
N GLU C 58 21.82 1.04 10.04
CA GLU C 58 22.08 2.46 9.95
C GLU C 58 22.14 2.96 8.50
N LYS C 59 21.64 4.17 8.27
CA LYS C 59 21.76 4.84 6.96
C LYS C 59 22.16 6.33 7.11
N LYS C 60 23.18 6.78 6.39
CA LYS C 60 23.57 8.20 6.45
C LYS C 60 23.42 8.97 5.13
N ASP C 61 22.84 10.15 5.23
CA ASP C 61 22.63 11.00 4.05
C ASP C 61 22.83 12.46 4.42
N GLN C 62 24.06 12.93 4.22
CA GLN C 62 24.41 14.31 4.49
C GLN C 62 24.24 14.63 5.96
N ARG C 63 23.46 15.66 6.29
CA ARG C 63 23.31 16.05 7.69
C ARG C 63 22.38 15.13 8.47
N ILE C 64 21.67 14.28 7.73
CA ILE C 64 20.60 13.44 8.25
C ILE C 64 21.11 12.01 8.50
N ALA C 65 20.58 11.36 9.53
CA ALA C 65 20.92 9.95 9.83
C ALA C 65 19.73 9.18 10.43
N VAL C 66 19.54 7.95 9.97
CA VAL C 66 18.45 7.12 10.49
C VAL C 66 18.93 5.75 11.05
N THR C 67 18.38 5.34 12.19
CA THR C 67 18.78 4.07 12.81
C THR C 67 17.60 3.11 13.01
N LEU C 68 17.91 1.83 13.25
CA LEU C 68 16.92 0.76 13.27
C LEU C 68 17.29 -0.49 14.09
N ASN C 69 16.51 -0.76 15.14
CA ASN C 69 16.67 -1.96 15.96
C ASN C 69 15.48 -2.90 15.74
N LYS C 70 15.63 -3.85 14.82
CA LYS C 70 14.52 -4.71 14.45
C LYS C 70 14.11 -5.66 15.58
N THR C 71 15.02 -5.93 16.52
CA THR C 71 14.69 -6.82 17.62
C THR C 71 13.90 -6.07 18.71
N ALA C 72 14.20 -4.79 18.87
CA ALA C 72 13.52 -3.98 19.89
C ALA C 72 12.50 -3.04 19.27
N LYS C 73 12.33 -3.14 17.97
CA LYS C 73 11.32 -2.37 17.25
C LYS C 73 11.43 -0.84 17.40
N HIS C 74 12.65 -0.36 17.64
CA HIS C 74 12.97 1.07 17.73
C HIS C 74 13.60 1.54 16.45
N PHE C 75 13.26 2.76 16.05
CA PHE C 75 13.95 3.41 14.95
C PHE C 75 13.84 4.92 15.13
N SER C 76 14.95 5.61 14.91
CA SER C 76 15.01 7.04 15.15
C SER C 76 15.60 7.81 13.98
N LEU C 77 15.60 9.13 14.09
CA LEU C 77 16.14 10.02 13.06
C LEU C 77 17.08 11.03 13.70
N HIS C 78 18.28 11.15 13.16
CA HIS C 78 19.26 12.11 13.67
C HIS C 78 19.54 13.22 12.65
N ILE C 79 19.29 14.46 13.05
CA ILE C 79 19.62 15.62 12.21
C ILE C 79 20.75 16.38 12.87
N THR C 80 21.93 16.36 12.26
CA THR C 80 23.07 17.06 12.85
C THR C 80 23.31 18.40 12.19
N GLU C 81 24.12 19.23 12.86
CA GLU C 81 24.44 20.58 12.38
C GLU C 81 23.20 21.31 11.90
N THR C 82 22.13 21.30 12.68
CA THR C 82 20.85 21.85 12.25
C THR C 82 20.92 23.27 11.72
N GLN C 83 20.08 23.56 10.73
CA GLN C 83 19.97 24.87 10.10
C GLN C 83 18.50 25.25 10.18
N PRO C 84 18.17 26.55 10.10
CA PRO C 84 16.77 26.89 10.37
C PRO C 84 15.78 26.34 9.33
N GLU C 85 16.23 26.19 8.09
CA GLU C 85 15.43 25.59 7.03
C GLU C 85 14.83 24.24 7.45
N ASP C 86 15.48 23.61 8.44
CA ASP C 86 15.05 22.33 8.99
C ASP C 86 13.76 22.39 9.80
N SER C 87 13.29 23.60 10.08
CA SER C 87 12.10 23.76 10.90
C SER C 87 10.83 23.31 10.19
N ALA C 88 10.22 22.25 10.71
CA ALA C 88 9.09 21.57 10.07
C ALA C 88 8.48 20.58 11.02
N VAL C 89 7.45 19.87 10.57
CA VAL C 89 6.97 18.72 11.30
C VAL C 89 7.51 17.45 10.64
N TYR C 90 8.10 16.56 11.45
CA TYR C 90 8.68 15.32 10.93
C TYR C 90 7.83 14.12 11.30
N PHE C 91 7.74 13.17 10.38
CA PHE C 91 7.00 11.93 10.63
C PHE C 91 7.81 10.71 10.26
N CYS C 92 7.82 9.73 11.16
CA CYS C 92 8.23 8.37 10.79
C CYS C 92 6.98 7.60 10.40
N ALA C 93 7.10 6.70 9.45
CA ALA C 93 6.02 5.76 9.17
C ALA C 93 6.61 4.36 9.05
N ALA C 94 5.74 3.35 8.97
CA ALA C 94 6.22 1.98 8.76
C ALA C 94 5.33 1.25 7.77
N SER C 95 5.90 0.27 7.07
CA SER C 95 5.21 -0.48 6.03
C SER C 95 5.71 -1.92 6.08
N SER C 96 4.89 -2.87 5.62
CA SER C 96 5.34 -4.26 5.55
C SER C 96 5.24 -4.79 4.13
N PHE C 97 5.81 -5.95 3.89
CA PHE C 97 5.93 -6.48 2.53
C PHE C 97 4.55 -6.72 1.88
N GLY C 98 3.58 -7.12 2.67
CA GLY C 98 2.30 -7.47 2.11
C GLY C 98 1.30 -6.35 2.26
N ASN C 99 1.54 -5.50 3.25
CA ASN C 99 0.69 -4.35 3.46
C ASN C 99 1.47 -3.07 3.18
N GLU C 100 1.26 -2.52 2.00
CA GLU C 100 2.11 -1.45 1.52
C GLU C 100 1.70 -0.05 1.97
N LYS C 101 0.53 0.07 2.60
CA LYS C 101 0.10 1.34 3.15
C LYS C 101 1.04 1.76 4.27
N LEU C 102 1.17 3.07 4.47
CA LEU C 102 2.03 3.60 5.52
C LEU C 102 1.16 3.90 6.72
N THR C 103 1.65 3.57 7.90
CA THR C 103 0.95 3.93 9.11
C THR C 103 1.90 4.88 9.86
N PHE C 104 1.41 6.09 10.14
CA PHE C 104 2.28 7.18 10.56
C PHE C 104 2.36 7.39 12.07
N GLY C 105 3.37 8.15 12.49
CA GLY C 105 3.49 8.59 13.86
C GLY C 105 2.82 9.94 14.06
N THR C 106 2.67 10.34 15.31
CA THR C 106 1.86 11.49 15.68
C THR C 106 2.51 12.84 15.38
N GLY C 107 3.71 12.81 14.83
CA GLY C 107 4.41 14.01 14.41
C GLY C 107 5.33 14.62 15.45
N THR C 108 6.49 15.07 15.01
CA THR C 108 7.35 15.90 15.85
C THR C 108 7.52 17.30 15.26
N ARG C 109 7.21 18.34 16.04
CA ARG C 109 7.25 19.71 15.54
C ARG C 109 8.60 20.33 15.85
N LEU C 110 9.51 20.23 14.87
CA LEU C 110 10.87 20.70 15.05
C LEU C 110 10.94 22.21 14.88
N THR C 111 11.64 22.84 15.82
CA THR C 111 11.92 24.27 15.80
C THR C 111 13.41 24.52 16.02
N ILE C 112 14.09 24.95 14.96
CA ILE C 112 15.49 25.34 15.04
C ILE C 112 15.60 26.85 15.31
N ILE C 113 15.97 27.21 16.53
CA ILE C 113 16.20 28.60 16.92
C ILE C 113 17.44 29.23 16.25
N PRO C 114 17.24 30.25 15.40
CA PRO C 114 18.34 30.80 14.59
C PRO C 114 19.33 31.61 15.40
N ASN C 115 20.61 31.25 15.33
CA ASN C 115 21.61 32.05 16.04
C ASN C 115 21.82 33.39 15.36
N ILE C 116 21.47 34.47 16.06
CA ILE C 116 21.58 35.80 15.49
C ILE C 116 22.96 36.38 15.81
N GLN C 117 23.71 36.72 14.76
CA GLN C 117 25.12 37.09 14.93
C GLN C 117 25.29 38.38 15.72
N ASN C 118 24.86 39.51 15.15
CA ASN C 118 25.00 40.81 15.81
C ASN C 118 23.66 41.47 16.05
N PRO C 119 23.01 41.12 17.17
CA PRO C 119 21.71 41.72 17.43
C PRO C 119 21.86 43.21 17.69
N ASP C 120 20.85 43.94 17.23
CA ASP C 120 20.75 45.37 17.41
C ASP C 120 19.26 45.69 17.53
N PRO C 121 18.63 45.30 18.66
CA PRO C 121 17.18 45.42 18.77
C PRO C 121 16.69 46.84 18.71
N ALA C 122 15.77 47.13 17.80
CA ALA C 122 15.30 48.48 17.56
C ALA C 122 13.84 48.42 17.19
N VAL C 123 13.07 49.44 17.58
CA VAL C 123 11.67 49.55 17.16
C VAL C 123 11.47 50.73 16.23
N TYR C 124 11.13 50.46 14.97
CA TYR C 124 10.85 51.50 14.00
C TYR C 124 9.37 51.62 13.72
N GLN C 125 8.95 52.77 13.21
CA GLN C 125 7.58 52.94 12.74
C GLN C 125 7.58 53.01 11.21
N LEU C 126 6.56 52.44 10.57
CA LEU C 126 6.49 52.41 9.11
C LEU C 126 5.40 53.34 8.64
N ARG C 127 5.48 53.77 7.39
CA ARG C 127 4.59 54.85 7.02
C ARG C 127 3.24 54.35 6.59
N ASP C 128 2.23 55.03 7.09
CA ASP C 128 0.84 54.69 6.88
C ASP C 128 0.56 54.45 5.41
N SER C 129 -0.32 53.49 5.14
CA SER C 129 -0.83 53.28 3.79
C SER C 129 -1.90 54.35 3.53
N LYS C 130 -2.01 54.83 2.30
CA LYS C 130 -3.08 55.78 1.98
C LYS C 130 -4.45 55.12 2.22
N SER C 131 -4.49 53.80 2.05
CA SER C 131 -5.74 53.04 2.08
C SER C 131 -5.99 52.26 3.38
N SER C 132 -5.40 52.70 4.49
CA SER C 132 -5.45 51.95 5.74
C SER C 132 -5.49 52.86 6.98
N ASP C 133 -6.53 52.69 7.79
CA ASP C 133 -6.72 53.52 8.98
C ASP C 133 -5.79 53.15 10.13
N LYS C 134 -4.86 52.23 9.91
CA LYS C 134 -3.96 51.81 10.99
C LYS C 134 -2.53 52.35 10.94
N SER C 135 -1.81 52.17 12.05
CA SER C 135 -0.38 52.48 12.17
C SER C 135 0.33 51.20 12.55
N VAL C 136 1.57 51.06 12.10
CA VAL C 136 2.29 49.81 12.19
C VAL C 136 3.71 50.06 12.74
N CYS C 137 4.10 49.27 13.75
CA CYS C 137 5.45 49.33 14.33
C CYS C 137 6.19 48.02 14.06
N LEU C 138 7.49 48.10 13.87
CA LEU C 138 8.26 46.93 13.48
C LEU C 138 9.36 46.77 14.50
N PHE C 139 9.36 45.65 15.20
CA PHE C 139 10.41 45.35 16.16
C PHE C 139 11.33 44.41 15.44
N THR C 140 12.59 44.80 15.26
CA THR C 140 13.47 43.99 14.43
C THR C 140 14.90 43.96 14.95
N ASP C 141 15.73 43.12 14.34
CA ASP C 141 17.15 43.00 14.66
C ASP C 141 17.48 42.46 16.08
N PHE C 142 16.52 41.80 16.73
CA PHE C 142 16.74 41.29 18.11
C PHE C 142 17.21 39.82 18.23
N ASP C 143 17.79 39.50 19.38
CA ASP C 143 18.31 38.16 19.66
C ASP C 143 17.18 37.17 19.74
N SER C 144 17.40 35.96 19.25
CA SER C 144 16.32 34.96 19.16
C SER C 144 15.77 34.54 20.53
N GLN C 145 16.59 34.65 21.57
CA GLN C 145 16.14 34.46 22.95
C GLN C 145 15.02 35.45 23.36
N THR C 146 14.99 36.62 22.73
CA THR C 146 14.08 37.69 23.12
C THR C 146 12.59 37.34 23.06
N ASN C 147 11.85 37.76 24.09
CA ASN C 147 10.42 37.53 24.18
C ASN C 147 9.57 38.58 23.48
N VAL C 148 8.49 38.13 22.84
CA VAL C 148 7.49 39.02 22.26
C VAL C 148 6.11 38.55 22.70
N SER C 149 5.54 39.29 23.62
CA SER C 149 4.28 38.93 24.22
C SER C 149 3.10 39.41 23.38
N GLN C 150 1.95 38.78 23.55
CA GLN C 150 0.77 39.09 22.76
C GLN C 150 0.07 40.28 23.38
N SER C 151 -0.86 40.86 22.64
CA SER C 151 -1.48 42.10 23.07
C SER C 151 -2.42 41.97 24.26
N LYS C 152 -2.19 42.81 25.27
CA LYS C 152 -3.06 42.86 26.44
C LYS C 152 -4.07 43.99 26.27
N ASP C 153 -4.27 44.38 25.01
CA ASP C 153 -5.22 45.43 24.66
C ASP C 153 -5.96 44.95 23.42
N SER C 154 -7.29 44.98 23.49
CA SER C 154 -8.13 44.45 22.42
C SER C 154 -7.89 45.11 21.06
N ASP C 155 -7.42 46.35 21.08
CA ASP C 155 -7.44 47.17 19.88
C ASP C 155 -6.09 47.25 19.17
N VAL C 156 -5.06 46.69 19.80
CA VAL C 156 -3.76 46.57 19.15
C VAL C 156 -3.40 45.10 18.95
N TYR C 157 -2.86 44.78 17.79
CA TYR C 157 -2.50 43.42 17.43
C TYR C 157 -0.99 43.29 17.26
N ILE C 158 -0.41 42.27 17.88
CA ILE C 158 1.02 42.01 17.85
C ILE C 158 1.31 40.57 17.40
N THR C 159 2.19 40.38 16.42
CA THR C 159 2.47 39.04 15.90
C THR C 159 3.67 38.44 16.62
N ASP C 160 3.82 37.12 16.52
CA ASP C 160 4.99 36.44 17.07
C ASP C 160 6.17 36.70 16.14
N LYS C 161 7.37 36.37 16.61
CA LYS C 161 8.56 36.64 15.85
C LYS C 161 8.70 35.75 14.61
N CYS C 162 9.54 36.19 13.69
CA CYS C 162 9.73 35.47 12.44
C CYS C 162 11.12 35.82 11.88
N VAL C 163 11.83 34.80 11.36
CA VAL C 163 13.19 34.93 10.83
C VAL C 163 13.20 35.11 9.31
N LEU C 164 13.85 36.16 8.83
CA LEU C 164 14.02 36.34 7.39
C LEU C 164 15.48 36.19 7.01
N ASP C 165 15.75 35.78 5.77
CA ASP C 165 17.11 35.47 5.38
C ASP C 165 17.78 36.60 4.60
N MET C 166 17.55 36.70 3.29
CA MET C 166 18.38 37.57 2.41
C MET C 166 19.90 37.46 2.70
N ARG C 167 20.61 36.35 2.46
CA ARG C 167 20.41 35.22 1.50
C ARG C 167 21.17 35.54 0.21
N SER C 168 21.79 36.71 0.20
CA SER C 168 22.92 36.98 -0.70
C SER C 168 24.05 37.62 0.11
N MET C 169 23.71 38.04 1.33
CA MET C 169 24.70 38.36 2.35
C MET C 169 24.66 37.25 3.40
N ASP C 170 25.43 37.39 4.46
CA ASP C 170 25.32 36.48 5.59
C ASP C 170 24.47 37.14 6.66
N PHE C 171 23.24 37.46 6.30
CA PHE C 171 22.36 38.17 7.22
C PHE C 171 21.08 37.38 7.54
N LYS C 172 20.72 37.35 8.82
CA LYS C 172 19.44 36.83 9.26
C LYS C 172 18.91 37.83 10.27
N SER C 173 17.58 38.01 10.31
CA SER C 173 16.98 38.84 11.35
C SER C 173 15.63 38.35 11.79
N ASN C 174 15.31 38.66 13.05
CA ASN C 174 13.96 38.47 13.54
C ASN C 174 13.15 39.74 13.42
N SER C 175 11.84 39.58 13.52
CA SER C 175 10.92 40.72 13.49
C SER C 175 9.59 40.37 14.12
N ALA C 176 8.88 41.40 14.57
CA ALA C 176 7.56 41.26 15.13
C ALA C 176 6.85 42.55 14.80
N VAL C 177 5.60 42.47 14.37
CA VAL C 177 4.86 43.65 13.97
C VAL C 177 3.73 43.99 14.95
N ALA C 178 3.61 45.27 15.31
CA ALA C 178 2.49 45.76 16.11
C ALA C 178 1.70 46.76 15.30
N TRP C 179 0.39 46.60 15.24
CA TRP C 179 -0.44 47.55 14.54
C TRP C 179 -1.76 47.79 15.29
N SER C 180 -2.32 48.98 15.07
CA SER C 180 -3.53 49.44 15.72
C SER C 180 -4.05 50.65 14.96
N ASN C 181 -5.30 51.03 15.23
CA ASN C 181 -5.85 52.26 14.70
C ASN C 181 -6.28 53.18 15.83
N LYS C 182 -6.02 52.74 17.06
CA LYS C 182 -6.27 53.51 18.26
C LYS C 182 -5.51 54.84 18.17
N SER C 183 -6.20 55.95 18.42
CA SER C 183 -5.63 57.29 18.30
C SER C 183 -4.35 57.53 19.07
N ASP C 184 -4.23 56.91 20.24
CA ASP C 184 -3.06 57.08 21.10
C ASP C 184 -2.10 55.90 21.00
N PHE C 185 -1.90 55.37 19.80
CA PHE C 185 -0.97 54.27 19.61
C PHE C 185 0.48 54.75 19.42
N ALA C 186 1.30 54.50 20.43
CA ALA C 186 2.70 54.88 20.39
C ALA C 186 3.56 53.64 20.12
N CYS C 187 4.34 53.68 19.03
CA CYS C 187 5.36 52.68 18.78
C CYS C 187 6.42 52.67 19.87
N ALA C 188 6.48 53.77 20.63
CA ALA C 188 7.43 53.99 21.72
C ALA C 188 7.81 52.68 22.37
N ASN C 189 6.80 52.07 22.98
CA ASN C 189 6.94 50.81 23.66
C ASN C 189 5.67 50.04 23.52
N ALA C 190 5.53 49.28 22.45
CA ALA C 190 4.42 48.33 22.36
C ALA C 190 4.87 46.91 22.77
N PHE C 191 6.18 46.73 22.92
CA PHE C 191 6.81 45.43 23.14
C PHE C 191 7.46 45.25 24.55
N ASN C 192 8.47 44.35 24.64
CA ASN C 192 9.28 43.99 25.86
C ASN C 192 10.58 43.40 25.33
N ASN C 193 11.79 43.42 25.96
CA ASN C 193 12.27 43.90 27.29
C ASN C 193 13.77 43.45 27.57
N SER C 194 14.53 44.19 28.40
CA SER C 194 16.03 44.29 28.32
C SER C 194 16.71 43.70 27.09
N ARG D 4 4.43 -14.91 14.04
CA ARG D 4 5.72 -14.24 13.99
C ARG D 4 6.35 -14.44 12.63
N LEU D 5 6.21 -15.63 12.06
CA LEU D 5 6.83 -15.90 10.76
C LEU D 5 5.87 -15.99 9.59
N LEU D 6 6.14 -15.16 8.59
CA LEU D 6 5.31 -15.03 7.41
C LEU D 6 6.13 -15.37 6.17
N MET D 7 5.50 -15.96 5.16
CA MET D 7 6.17 -16.09 3.89
C MET D 7 5.89 -14.89 3.01
N LEU D 8 6.70 -14.74 1.98
CA LEU D 8 6.49 -13.67 1.02
C LEU D 8 5.89 -14.24 -0.25
N PHE D 9 5.99 -13.50 -1.35
CA PHE D 9 5.29 -13.85 -2.57
C PHE D 9 5.75 -12.99 -3.76
N ALA D 10 5.40 -13.44 -4.97
CA ALA D 10 5.69 -12.70 -6.17
C ALA D 10 4.64 -11.59 -6.32
N LYS D 11 5.04 -10.33 -6.13
CA LYS D 11 4.11 -9.21 -6.38
C LYS D 11 3.79 -9.03 -7.86
N ASP D 12 2.52 -8.89 -8.19
CA ASP D 12 2.13 -8.63 -9.57
C ASP D 12 2.45 -7.18 -9.85
N VAL D 13 2.69 -6.87 -11.13
CA VAL D 13 2.99 -5.52 -11.55
C VAL D 13 1.96 -5.08 -12.58
N VAL D 14 1.61 -3.79 -12.58
CA VAL D 14 0.61 -3.27 -13.52
C VAL D 14 1.20 -3.12 -14.94
N SER D 15 0.41 -3.47 -15.94
CA SER D 15 0.76 -3.34 -17.35
C SER D 15 0.31 -1.96 -17.79
N ARG D 16 0.99 -1.34 -18.75
CA ARG D 16 0.64 0.03 -19.10
C ARG D 16 -0.41 0.14 -20.22
N ASN D 17 -0.22 -0.66 -21.27
CA ASN D 17 -1.01 -0.53 -22.50
C ASN D 17 -0.88 0.87 -23.09
N GLY D 25 0.99 12.26 -16.13
CA GLY D 25 1.24 13.20 -15.05
C GLY D 25 2.58 13.91 -15.12
N GLY D 26 2.96 14.55 -14.01
CA GLY D 26 4.15 15.38 -13.97
C GLY D 26 5.42 14.76 -13.40
N ALA D 27 6.29 15.63 -12.88
CA ALA D 27 7.56 15.19 -12.28
C ALA D 27 7.36 14.97 -10.78
N GLY D 28 6.34 15.63 -10.24
CA GLY D 28 5.92 15.45 -8.87
C GLY D 28 4.41 15.27 -8.82
N VAL D 29 3.89 14.86 -7.66
CA VAL D 29 2.45 14.65 -7.47
C VAL D 29 1.75 15.99 -7.31
N SER D 30 0.77 16.26 -8.15
CA SER D 30 0.06 17.52 -8.06
C SER D 30 -1.38 17.38 -7.60
N GLN D 31 -1.81 18.35 -6.81
CA GLN D 31 -3.20 18.51 -6.45
C GLN D 31 -3.59 19.97 -6.56
N THR D 32 -4.74 20.21 -7.17
CA THR D 32 -5.30 21.55 -7.20
C THR D 32 -6.80 21.40 -6.92
N PRO D 33 -7.40 22.43 -6.31
CA PRO D 33 -6.68 23.58 -5.74
C PRO D 33 -6.07 23.22 -4.39
N SER D 34 -5.36 24.17 -3.78
CA SER D 34 -4.79 23.96 -2.46
C SER D 34 -5.88 23.87 -1.40
N ASN D 35 -7.00 24.53 -1.68
CA ASN D 35 -8.07 24.73 -0.70
C ASN D 35 -9.44 24.71 -1.33
N LYS D 36 -10.35 23.96 -0.73
CA LYS D 36 -11.74 23.92 -1.17
C LYS D 36 -12.64 24.33 0.00
N VAL D 37 -13.38 25.41 -0.16
CA VAL D 37 -14.24 25.90 0.90
C VAL D 37 -15.71 25.68 0.54
N THR D 38 -16.43 24.86 1.32
CA THR D 38 -17.87 24.61 1.11
C THR D 38 -18.69 24.64 2.39
N GLU D 39 -19.99 24.44 2.23
CA GLU D 39 -20.93 24.34 3.33
C GLU D 39 -21.49 22.91 3.42
N LYS D 40 -22.20 22.62 4.51
CA LYS D 40 -22.78 21.29 4.77
C LYS D 40 -23.52 20.70 3.57
N GLY D 41 -23.60 19.37 3.53
CA GLY D 41 -24.52 18.67 2.65
C GLY D 41 -24.19 18.74 1.18
N LYS D 42 -23.15 19.49 0.84
CA LYS D 42 -22.80 19.67 -0.57
C LYS D 42 -21.77 18.62 -0.99
N TYR D 43 -21.64 18.45 -2.31
CA TYR D 43 -20.79 17.39 -2.86
C TYR D 43 -19.42 17.94 -3.22
N VAL D 44 -18.36 17.26 -2.80
CA VAL D 44 -17.01 17.76 -3.11
C VAL D 44 -16.10 16.71 -3.76
N GLU D 45 -15.41 17.11 -4.84
CA GLU D 45 -14.45 16.25 -5.50
C GLU D 45 -13.02 16.76 -5.29
N LEU D 46 -12.11 15.84 -4.97
CA LEU D 46 -10.71 16.19 -4.81
C LEU D 46 -9.86 15.47 -5.84
N ARG D 47 -9.34 16.21 -6.81
CA ARG D 47 -8.57 15.60 -7.89
C ARG D 47 -7.12 15.37 -7.47
N CYS D 48 -6.41 14.51 -8.20
CA CYS D 48 -5.01 14.24 -7.96
C CYS D 48 -4.30 13.64 -9.20
N ASP D 49 -3.42 14.41 -9.83
CA ASP D 49 -2.68 13.91 -11.00
C ASP D 49 -1.34 13.33 -10.55
N PRO D 50 -1.14 12.02 -10.78
CA PRO D 50 -0.01 11.27 -10.23
C PRO D 50 1.30 11.61 -10.89
N ILE D 51 2.41 11.22 -10.29
CA ILE D 51 3.68 11.25 -11.02
C ILE D 51 3.54 10.27 -12.19
N SER D 52 3.64 10.77 -13.42
CA SER D 52 3.45 9.94 -14.61
C SER D 52 4.23 8.65 -14.52
N GLY D 53 3.60 7.52 -14.85
CA GLY D 53 4.29 6.24 -14.82
C GLY D 53 4.09 5.51 -13.51
N HIS D 54 3.70 6.22 -12.47
CA HIS D 54 3.52 5.61 -11.17
C HIS D 54 2.26 4.76 -11.18
N THR D 55 2.43 3.48 -10.85
CA THR D 55 1.35 2.46 -10.89
C THR D 55 0.45 2.39 -9.66
N ALA D 56 0.98 2.81 -8.51
CA ALA D 56 0.22 2.81 -7.26
C ALA D 56 -0.15 4.21 -6.75
N LEU D 57 -1.42 4.44 -6.44
CA LEU D 57 -1.87 5.71 -5.88
C LEU D 57 -2.53 5.54 -4.50
N TYR D 58 -2.11 6.33 -3.52
CA TYR D 58 -2.72 6.29 -2.19
C TYR D 58 -3.38 7.63 -1.87
N TRP D 59 -4.50 7.57 -1.15
CA TRP D 59 -5.15 8.76 -0.61
C TRP D 59 -5.08 8.75 0.91
N TYR D 60 -4.46 9.78 1.50
CA TYR D 60 -4.45 9.86 2.96
C TYR D 60 -5.15 11.11 3.45
N ARG D 61 -5.61 11.06 4.69
CA ARG D 61 -6.27 12.21 5.29
C ARG D 61 -5.45 12.65 6.48
N GLN D 62 -5.24 13.96 6.63
CA GLN D 62 -4.51 14.51 7.77
C GLN D 62 -5.28 15.56 8.56
N SER D 63 -5.90 15.13 9.67
CA SER D 63 -6.50 16.07 10.59
C SER D 63 -5.32 16.83 11.18
N LEU D 64 -5.30 18.14 11.03
CA LEU D 64 -4.09 18.88 11.38
C LEU D 64 -3.83 18.89 12.89
N GLY D 65 -2.57 18.69 13.24
CA GLY D 65 -2.16 18.41 14.60
C GLY D 65 -1.61 17.00 14.68
N GLN D 66 -2.24 16.08 13.96
CA GLN D 66 -1.85 14.69 13.93
C GLN D 66 -1.27 14.32 12.57
N GLY D 67 -0.75 13.09 12.46
CA GLY D 67 -0.16 12.62 11.22
C GLY D 67 -1.17 12.04 10.24
N PRO D 68 -0.70 11.70 9.02
CA PRO D 68 -1.54 11.16 7.95
C PRO D 68 -2.14 9.79 8.32
N GLU D 69 -3.37 9.59 7.89
CA GLU D 69 -3.98 8.29 8.06
C GLU D 69 -4.58 7.81 6.75
N PHE D 70 -4.47 6.50 6.53
CA PHE D 70 -4.82 5.85 5.27
C PHE D 70 -6.31 5.80 4.99
N LEU D 71 -6.67 6.06 3.72
CA LEU D 71 -8.04 5.92 3.25
C LEU D 71 -8.14 4.79 2.23
N ILE D 72 -7.55 5.00 1.05
CA ILE D 72 -7.65 4.00 -0.02
C ILE D 72 -6.34 3.83 -0.80
N TYR D 73 -6.15 2.67 -1.43
CA TYR D 73 -4.93 2.39 -2.18
C TYR D 73 -5.28 1.78 -3.54
N PHE D 74 -4.86 2.43 -4.63
CA PHE D 74 -5.11 1.87 -5.96
C PHE D 74 -3.90 1.18 -6.54
N GLN D 75 -4.08 -0.05 -7.04
CA GLN D 75 -3.08 -0.66 -7.90
C GLN D 75 -3.59 -0.62 -9.34
N GLY D 76 -3.00 0.27 -10.14
CA GLY D 76 -3.50 0.54 -11.47
C GLY D 76 -4.90 1.14 -11.38
N THR D 77 -5.85 0.48 -12.02
CA THR D 77 -7.23 0.95 -12.13
C THR D 77 -8.08 0.54 -10.92
N GLY D 78 -7.60 -0.48 -10.20
CA GLY D 78 -8.36 -1.12 -9.14
C GLY D 78 -7.88 -0.89 -7.72
N ALA D 79 -8.81 -1.09 -6.77
CA ALA D 79 -8.56 -0.82 -5.36
C ALA D 79 -7.95 -2.01 -4.65
N ALA D 80 -6.76 -1.78 -4.09
CA ALA D 80 -6.01 -2.81 -3.41
C ALA D 80 -6.45 -2.88 -1.96
N ASP D 81 -6.75 -1.70 -1.40
CA ASP D 81 -7.13 -1.58 0.00
C ASP D 81 -8.03 -0.37 0.14
N ASP D 82 -9.28 -0.58 0.53
CA ASP D 82 -10.22 0.52 0.74
C ASP D 82 -10.60 0.65 2.21
N SER D 83 -9.83 0.01 3.08
CA SER D 83 -10.23 -0.16 4.48
C SER D 83 -10.32 1.16 5.25
N GLY D 84 -9.66 2.20 4.75
CA GLY D 84 -9.52 3.45 5.47
C GLY D 84 -10.64 4.44 5.24
N LEU D 85 -11.40 4.26 4.15
CA LEU D 85 -12.59 5.06 3.90
C LEU D 85 -13.47 5.09 5.15
N PRO D 86 -13.66 6.27 5.74
CA PRO D 86 -14.32 6.49 7.04
C PRO D 86 -15.81 6.11 7.07
N ASN D 87 -16.52 6.30 5.96
CA ASN D 87 -17.89 5.83 5.86
C ASN D 87 -18.36 5.72 4.42
N ASP D 88 -19.61 5.31 4.23
CA ASP D 88 -20.15 5.05 2.90
C ASP D 88 -20.41 6.32 2.08
N ARG D 89 -20.04 7.47 2.65
CA ARG D 89 -20.12 8.75 1.94
C ARG D 89 -18.84 9.05 1.18
N PHE D 90 -17.83 8.21 1.38
CA PHE D 90 -16.55 8.37 0.69
C PHE D 90 -16.37 7.32 -0.39
N PHE D 91 -15.88 7.75 -1.55
CA PHE D 91 -15.62 6.85 -2.65
C PHE D 91 -14.52 7.47 -3.49
N ALA D 92 -13.65 6.65 -4.05
CA ALA D 92 -12.53 7.15 -4.85
C ALA D 92 -12.47 6.42 -6.17
N VAL D 93 -12.13 7.11 -7.25
CA VAL D 93 -11.94 6.44 -8.53
C VAL D 93 -10.61 6.76 -9.18
N ARG D 94 -10.24 5.97 -10.17
CA ARG D 94 -9.03 6.17 -10.95
C ARG D 94 -9.21 5.49 -12.32
N PRO D 95 -10.25 5.89 -13.07
CA PRO D 95 -10.67 5.13 -14.25
C PRO D 95 -9.57 4.74 -15.23
N GLU D 96 -8.52 5.54 -15.43
CA GLU D 96 -7.48 5.16 -16.38
C GLU D 96 -6.18 4.76 -15.71
N GLY D 97 -6.26 4.42 -14.44
CA GLY D 97 -5.07 4.02 -13.72
C GLY D 97 -4.07 5.16 -13.59
N SER D 98 -4.57 6.36 -13.83
CA SER D 98 -3.73 7.55 -13.83
C SER D 98 -4.25 8.55 -12.80
N VAL D 99 -5.07 9.48 -13.26
CA VAL D 99 -5.65 10.47 -12.37
C VAL D 99 -6.69 9.79 -11.48
N SER D 100 -6.79 10.25 -10.24
CA SER D 100 -7.76 9.73 -9.30
C SER D 100 -8.55 10.84 -8.61
N THR D 101 -9.87 10.70 -8.61
CA THR D 101 -10.75 11.64 -7.91
C THR D 101 -11.31 11.01 -6.64
N LEU D 102 -11.33 11.77 -5.56
CA LEU D 102 -11.96 11.34 -4.33
C LEU D 102 -13.29 12.09 -4.17
N LYS D 103 -14.39 11.35 -4.16
CA LYS D 103 -15.71 11.95 -4.06
C LYS D 103 -16.28 11.81 -2.65
N ILE D 104 -16.64 12.94 -2.06
CA ILE D 104 -17.29 12.93 -0.74
C ILE D 104 -18.73 13.40 -0.91
N GLN D 105 -19.67 12.65 -0.36
CA GLN D 105 -21.05 12.77 -0.82
C GLN D 105 -21.95 13.84 -0.19
N ARG D 106 -22.14 13.77 1.12
CA ARG D 106 -23.05 14.68 1.79
C ARG D 106 -22.30 15.20 2.97
N THR D 107 -21.71 16.37 2.77
CA THR D 107 -20.55 16.79 3.52
C THR D 107 -20.92 17.35 4.90
N GLU D 108 -20.08 17.02 5.89
CA GLU D 108 -20.29 17.41 7.28
C GLU D 108 -19.06 18.11 7.78
N ARG D 109 -19.21 18.95 8.81
CA ARG D 109 -18.07 19.67 9.39
C ARG D 109 -16.92 18.77 9.71
N GLY D 110 -17.23 17.60 10.25
CA GLY D 110 -16.20 16.67 10.69
C GLY D 110 -15.29 16.14 9.60
N ASP D 111 -15.56 16.46 8.34
CA ASP D 111 -14.74 15.97 7.23
C ASP D 111 -13.56 16.88 6.97
N SER D 112 -13.48 17.96 7.75
CA SER D 112 -12.47 18.98 7.53
C SER D 112 -11.09 18.44 7.89
N ALA D 113 -10.28 18.30 6.85
CA ALA D 113 -8.91 17.82 6.98
C ALA D 113 -8.15 18.29 5.75
N VAL D 114 -6.86 17.95 5.70
CA VAL D 114 -6.12 18.08 4.46
C VAL D 114 -6.14 16.71 3.82
N TYR D 115 -6.38 16.67 2.51
CA TYR D 115 -6.37 15.41 1.81
C TYR D 115 -5.12 15.22 0.94
N LEU D 116 -4.17 14.48 1.49
CA LEU D 116 -2.94 14.15 0.80
C LEU D 116 -3.11 13.01 -0.20
N CYS D 117 -2.29 13.05 -1.23
CA CYS D 117 -2.28 12.05 -2.26
C CYS D 117 -0.81 11.69 -2.40
N ALA D 118 -0.51 10.39 -2.51
CA ALA D 118 0.87 9.98 -2.72
C ALA D 118 0.88 8.89 -3.77
N THR D 119 1.94 8.84 -4.58
CA THR D 119 2.07 7.75 -5.55
C THR D 119 3.42 7.09 -5.46
N SER D 120 3.54 5.97 -6.18
CA SER D 120 4.70 5.09 -6.11
C SER D 120 4.85 4.32 -7.41
N ALA D 121 6.09 4.10 -7.85
CA ALA D 121 6.33 3.30 -9.06
C ALA D 121 5.66 1.95 -8.95
N LEU D 122 5.90 1.27 -7.82
CA LEU D 122 5.43 -0.12 -7.64
C LEU D 122 4.48 -0.29 -6.46
N GLY D 123 4.73 0.44 -5.38
CA GLY D 123 3.83 0.42 -4.24
C GLY D 123 4.49 0.82 -2.94
N ASP D 124 5.73 0.38 -2.75
CA ASP D 124 6.43 0.63 -1.48
C ASP D 124 6.72 2.12 -1.17
N THR D 125 7.63 2.74 -1.94
CA THR D 125 8.12 4.09 -1.67
C THR D 125 7.12 5.13 -2.14
N GLN D 126 6.62 5.98 -1.23
CA GLN D 126 5.53 6.88 -1.57
C GLN D 126 5.92 8.36 -1.58
N TYR D 127 5.60 9.08 -2.66
CA TYR D 127 5.87 10.54 -2.74
C TYR D 127 4.58 11.33 -2.70
N PHE D 128 4.42 12.20 -1.70
CA PHE D 128 3.15 12.91 -1.53
C PHE D 128 2.98 14.13 -2.45
N GLY D 129 1.77 14.63 -2.53
CA GLY D 129 1.49 15.88 -3.20
C GLY D 129 1.29 16.95 -2.16
N PRO D 130 1.03 18.19 -2.59
CA PRO D 130 0.89 19.33 -1.67
C PRO D 130 -0.37 19.23 -0.80
N GLY D 131 -1.29 18.32 -1.14
CA GLY D 131 -2.55 18.17 -0.42
C GLY D 131 -3.60 19.21 -0.79
N THR D 132 -4.85 18.86 -0.54
CA THR D 132 -5.96 19.81 -0.69
C THR D 132 -6.66 19.96 0.64
N ARG D 133 -6.67 21.17 1.21
CA ARG D 133 -7.38 21.37 2.45
C ARG D 133 -8.85 21.67 2.21
N LEU D 134 -9.70 20.72 2.59
CA LEU D 134 -11.14 20.90 2.53
C LEU D 134 -11.64 21.55 3.81
N THR D 135 -12.32 22.67 3.67
CA THR D 135 -12.80 23.43 4.82
C THR D 135 -14.31 23.49 4.74
N VAL D 136 -14.96 22.68 5.57
CA VAL D 136 -16.43 22.53 5.55
C VAL D 136 -17.14 23.26 6.68
N LEU D 137 -18.02 24.20 6.32
CA LEU D 137 -18.60 25.13 7.26
C LEU D 137 -20.11 24.97 7.46
N GLU D 138 -20.62 25.51 8.55
CA GLU D 138 -22.05 25.55 8.80
C GLU D 138 -22.79 26.27 7.68
N ASP D 139 -22.46 27.54 7.49
CA ASP D 139 -22.99 28.33 6.41
C ASP D 139 -21.82 28.95 5.68
N LEU D 140 -22.13 29.74 4.66
CA LEU D 140 -21.12 30.52 3.98
C LEU D 140 -21.29 31.99 4.34
N LYS D 141 -22.07 32.25 5.38
CA LYS D 141 -22.40 33.62 5.77
C LYS D 141 -21.22 34.40 6.35
N ASN D 142 -20.16 33.70 6.68
CA ASN D 142 -19.01 34.34 7.30
C ASN D 142 -17.76 34.30 6.45
N VAL D 143 -17.90 34.05 5.15
CA VAL D 143 -16.73 34.08 4.28
C VAL D 143 -16.43 35.50 3.82
N PHE D 144 -15.32 36.04 4.32
CA PHE D 144 -14.89 37.37 3.94
C PHE D 144 -13.50 37.28 3.35
N PRO D 145 -13.27 38.00 2.24
CA PRO D 145 -11.92 37.99 1.66
C PRO D 145 -11.06 39.02 2.39
N PRO D 146 -9.73 38.95 2.23
CA PRO D 146 -8.87 39.84 3.03
C PRO D 146 -8.82 41.26 2.48
N GLU D 147 -8.37 42.18 3.32
CA GLU D 147 -7.96 43.52 2.85
C GLU D 147 -6.47 43.61 3.01
N VAL D 148 -5.79 43.87 1.91
CA VAL D 148 -4.33 43.92 1.93
C VAL D 148 -3.81 45.37 1.86
N ALA D 149 -2.79 45.66 2.67
CA ALA D 149 -2.22 46.99 2.79
C ALA D 149 -0.72 46.86 2.97
N VAL D 150 0.04 47.59 2.18
CA VAL D 150 1.49 47.57 2.34
C VAL D 150 1.94 48.88 2.99
N PHE D 151 2.97 48.79 3.81
CA PHE D 151 3.50 49.92 4.55
C PHE D 151 4.97 50.05 4.21
N GLU D 152 5.39 51.26 3.84
CA GLU D 152 6.72 51.44 3.30
C GLU D 152 7.70 51.67 4.43
N PRO D 153 9.00 51.48 4.16
CA PRO D 153 10.02 51.43 5.20
C PRO D 153 10.26 52.70 6.02
N SER D 154 10.61 52.50 7.28
CA SER D 154 11.08 53.58 8.15
C SER D 154 12.34 54.24 7.59
N GLU D 155 12.34 55.57 7.49
CA GLU D 155 13.57 56.26 7.09
C GLU D 155 14.64 55.97 8.15
N ALA D 156 14.21 55.98 9.41
CA ALA D 156 15.12 55.70 10.53
C ALA D 156 15.79 54.33 10.43
N GLU D 157 15.07 53.31 9.98
CA GLU D 157 15.70 52.02 9.73
C GLU D 157 16.75 52.11 8.61
N ILE D 158 16.36 52.74 7.51
CA ILE D 158 17.22 52.90 6.35
C ILE D 158 18.57 53.55 6.69
N SER D 159 18.54 54.56 7.55
CA SER D 159 19.76 55.26 7.91
C SER D 159 20.62 54.43 8.85
N HIS D 160 19.96 53.71 9.76
CA HIS D 160 20.63 52.96 10.83
C HIS D 160 21.26 51.64 10.40
N THR D 161 20.67 50.99 9.40
CA THR D 161 21.01 49.61 9.06
C THR D 161 21.25 49.46 7.57
N GLN D 162 20.97 50.52 6.83
CA GLN D 162 21.10 50.52 5.36
C GLN D 162 20.33 49.36 4.74
N LYS D 163 19.28 48.92 5.43
CA LYS D 163 18.32 47.97 4.88
C LYS D 163 16.93 48.61 5.00
N ALA D 164 15.95 48.07 4.28
CA ALA D 164 14.59 48.60 4.32
C ALA D 164 13.55 47.48 4.46
N THR D 165 12.88 47.41 5.60
CA THR D 165 11.80 46.46 5.79
C THR D 165 10.41 47.02 5.43
N LEU D 166 9.78 46.41 4.42
CA LEU D 166 8.37 46.64 4.09
C LEU D 166 7.50 45.63 4.83
N VAL D 167 6.26 46.02 5.10
CA VAL D 167 5.35 45.14 5.81
C VAL D 167 4.02 45.08 5.09
N CYS D 168 3.55 43.86 4.85
CA CYS D 168 2.24 43.65 4.29
C CYS D 168 1.30 43.17 5.38
N LEU D 169 0.06 43.64 5.34
CA LEU D 169 -0.93 43.26 6.32
C LEU D 169 -2.18 42.82 5.59
N ALA D 170 -2.45 41.52 5.64
CA ALA D 170 -3.71 40.97 5.18
C ALA D 170 -4.62 40.88 6.37
N THR D 171 -5.74 41.59 6.33
CA THR D 171 -6.66 41.62 7.46
C THR D 171 -8.10 41.32 7.07
N GLY D 172 -8.91 40.90 8.06
CA GLY D 172 -10.34 40.82 7.92
C GLY D 172 -10.90 39.59 7.24
N PHE D 173 -10.08 38.58 7.04
CA PHE D 173 -10.52 37.39 6.28
C PHE D 173 -10.97 36.13 7.08
N TYR D 174 -11.93 35.42 6.50
CA TYR D 174 -12.44 34.16 7.05
C TYR D 174 -12.87 33.28 5.87
N PRO D 175 -12.66 31.95 5.96
CA PRO D 175 -11.94 31.23 7.03
C PRO D 175 -10.46 31.50 6.89
N ASP D 176 -9.63 31.10 7.86
CA ASP D 176 -8.20 31.39 7.77
C ASP D 176 -7.59 30.76 6.52
N HIS D 177 -6.27 30.62 6.48
CA HIS D 177 -5.65 30.00 5.30
C HIS D 177 -5.76 30.85 4.03
N VAL D 178 -4.78 31.73 3.87
CA VAL D 178 -4.57 32.46 2.65
C VAL D 178 -3.11 32.27 2.30
N GLU D 179 -2.77 32.47 1.04
CA GLU D 179 -1.39 32.29 0.62
C GLU D 179 -0.85 33.65 0.26
N LEU D 180 0.14 34.11 1.04
CA LEU D 180 0.70 35.44 0.83
C LEU D 180 2.05 35.37 0.14
N SER D 181 2.16 36.06 -0.98
CA SER D 181 3.41 36.16 -1.72
C SER D 181 3.85 37.62 -2.02
N TRP D 182 5.14 37.79 -2.17
CA TRP D 182 5.72 39.06 -2.51
C TRP D 182 6.21 38.99 -3.93
N TRP D 183 5.78 39.98 -4.72
CA TRP D 183 6.22 40.09 -6.09
C TRP D 183 6.97 41.38 -6.24
N VAL D 184 8.06 41.33 -7.00
CA VAL D 184 8.93 42.47 -7.24
C VAL D 184 9.29 42.54 -8.72
N ASN D 185 8.89 43.62 -9.38
CA ASN D 185 9.16 43.82 -10.80
C ASN D 185 8.70 42.65 -11.66
N GLY D 186 7.61 42.00 -11.24
CA GLY D 186 6.97 40.94 -12.01
C GLY D 186 7.53 39.55 -11.81
N LYS D 187 8.30 39.36 -10.75
CA LYS D 187 8.75 38.03 -10.34
C LYS D 187 8.53 37.82 -8.83
N GLU D 188 8.04 36.65 -8.46
CA GLU D 188 7.83 36.38 -7.03
C GLU D 188 9.18 36.29 -6.37
N VAL D 189 9.27 36.72 -5.11
CA VAL D 189 10.52 36.65 -4.35
C VAL D 189 10.36 35.87 -3.06
N HIS D 190 11.45 35.29 -2.58
CA HIS D 190 11.45 34.53 -1.33
C HIS D 190 12.61 34.99 -0.48
N SER D 191 13.67 35.40 -1.16
CA SER D 191 14.80 36.03 -0.50
C SER D 191 14.31 37.26 0.23
N GLY D 192 14.69 37.40 1.50
CA GLY D 192 14.32 38.55 2.31
C GLY D 192 12.91 38.54 2.89
N VAL D 193 12.12 37.52 2.57
CA VAL D 193 10.72 37.45 3.01
C VAL D 193 10.53 36.58 4.26
N CYS D 194 9.60 36.97 5.11
CA CYS D 194 9.06 36.07 6.09
C CYS D 194 7.61 36.43 6.47
N THR D 195 6.70 35.48 6.25
CA THR D 195 5.29 35.63 6.63
C THR D 195 5.11 35.01 8.02
N ASP D 196 4.06 35.44 8.74
CA ASP D 196 3.69 34.78 9.98
C ASP D 196 3.40 33.33 9.69
N PRO D 197 3.85 32.43 10.58
CA PRO D 197 3.56 31.01 10.41
C PRO D 197 2.09 30.72 10.69
N GLN D 198 1.48 31.52 11.55
CA GLN D 198 0.08 31.39 11.89
C GLN D 198 -0.63 32.74 11.81
N PRO D 199 -1.85 32.77 11.24
CA PRO D 199 -2.61 34.01 11.36
C PRO D 199 -3.10 34.20 12.79
N LEU D 200 -3.66 35.35 13.12
CA LEU D 200 -4.20 35.56 14.45
C LEU D 200 -5.65 36.04 14.41
N LYS D 201 -6.45 35.59 15.37
CA LYS D 201 -7.85 36.01 15.45
C LYS D 201 -7.94 37.50 15.82
N GLU D 202 -8.70 38.27 15.04
CA GLU D 202 -8.87 39.68 15.33
C GLU D 202 -9.69 39.88 16.61
N GLN D 203 -10.40 38.84 17.01
CA GLN D 203 -11.11 38.81 18.30
C GLN D 203 -11.26 37.36 18.77
N PRO D 204 -10.30 36.92 19.61
CA PRO D 204 -10.14 35.51 20.00
C PRO D 204 -11.32 34.89 20.76
N ALA D 205 -12.25 35.72 21.21
CA ALA D 205 -13.38 35.22 22.00
C ALA D 205 -14.49 34.64 21.13
N LEU D 206 -14.20 34.40 19.85
CA LEU D 206 -15.26 33.97 18.94
C LEU D 206 -14.93 32.76 18.04
N ASN D 207 -15.91 31.88 17.89
CA ASN D 207 -15.85 30.85 16.85
C ASN D 207 -16.04 31.50 15.48
N ASP D 208 -16.51 32.76 15.50
CA ASP D 208 -16.90 33.49 14.30
C ASP D 208 -15.87 34.56 13.90
N SER D 209 -14.72 34.58 14.56
CA SER D 209 -13.71 35.60 14.34
C SER D 209 -13.06 35.54 12.96
N ARG D 210 -12.63 36.71 12.48
CA ARG D 210 -11.94 36.82 11.19
C ARG D 210 -10.45 36.97 11.44
N TYR D 211 -9.65 36.75 10.41
CA TYR D 211 -8.20 36.65 10.60
C TYR D 211 -7.35 37.76 9.97
N SER D 212 -6.22 38.03 10.62
CA SER D 212 -5.19 38.94 10.09
C SER D 212 -3.88 38.19 9.99
N LEU D 213 -2.96 38.74 9.22
CA LEU D 213 -1.72 38.04 8.96
C LEU D 213 -0.75 39.07 8.41
N SER D 214 0.47 39.08 8.94
CA SER D 214 1.45 40.04 8.48
C SER D 214 2.60 39.31 7.77
N SER D 215 3.30 40.04 6.92
CA SER D 215 4.49 39.49 6.27
C SER D 215 5.54 40.60 6.18
N ARG D 216 6.80 40.23 6.03
CA ARG D 216 7.84 41.22 5.83
C ARG D 216 8.74 40.86 4.66
N LEU D 217 8.96 41.84 3.78
CA LEU D 217 10.01 41.78 2.76
C LEU D 217 11.09 42.80 3.16
N ARG D 218 12.35 42.36 3.27
CA ARG D 218 13.44 43.27 3.62
C ARG D 218 14.50 43.36 2.51
N VAL D 219 14.57 44.51 1.85
CA VAL D 219 15.56 44.72 0.79
C VAL D 219 16.71 45.62 1.26
N SER D 220 17.75 45.77 0.43
CA SER D 220 18.81 46.72 0.77
C SER D 220 18.32 48.15 0.52
N ALA D 221 18.91 49.13 1.21
CA ALA D 221 18.51 50.53 1.01
C ALA D 221 18.61 50.99 -0.45
N THR D 222 19.72 50.64 -1.12
CA THR D 222 19.88 51.03 -2.52
C THR D 222 18.75 50.48 -3.34
N PHE D 223 18.32 49.26 -3.02
CA PHE D 223 17.25 48.65 -3.77
C PHE D 223 15.93 49.38 -3.56
N TRP D 224 15.63 49.71 -2.31
CA TRP D 224 14.42 50.49 -2.01
C TRP D 224 14.47 51.88 -2.62
N GLN D 225 15.67 52.45 -2.71
CA GLN D 225 15.81 53.85 -3.14
C GLN D 225 15.76 54.07 -4.65
N ASN D 226 15.72 52.97 -5.40
CA ASN D 226 15.59 53.00 -6.85
C ASN D 226 14.10 53.01 -7.23
N PRO D 227 13.61 54.16 -7.70
CA PRO D 227 12.19 54.39 -8.04
C PRO D 227 11.66 53.52 -9.17
N ARG D 228 12.53 52.76 -9.83
CA ARG D 228 12.09 51.90 -10.93
C ARG D 228 11.60 50.54 -10.41
N ASN D 229 11.97 50.23 -9.16
CA ASN D 229 11.59 48.96 -8.52
C ASN D 229 10.16 48.94 -7.95
N HIS D 230 9.35 48.04 -8.48
CA HIS D 230 7.93 47.92 -8.21
C HIS D 230 7.63 46.69 -7.31
N PHE D 231 7.08 46.94 -6.11
CA PHE D 231 6.77 45.89 -5.13
C PHE D 231 5.28 45.65 -5.05
N ARG D 232 4.90 44.38 -5.01
CA ARG D 232 3.50 44.02 -4.83
C ARG D 232 3.36 42.94 -3.78
N CYS D 233 2.36 43.06 -2.92
CA CYS D 233 2.06 42.05 -1.94
C CYS D 233 0.74 41.34 -2.30
N GLN D 234 0.82 40.07 -2.67
CA GLN D 234 -0.35 39.34 -3.18
C GLN D 234 -0.90 38.30 -2.20
N VAL D 235 -2.16 38.45 -1.83
CA VAL D 235 -2.77 37.48 -0.95
C VAL D 235 -3.84 36.71 -1.71
N GLN D 236 -3.61 35.41 -1.86
CA GLN D 236 -4.60 34.56 -2.52
C GLN D 236 -5.62 34.07 -1.50
N PHE D 237 -6.88 34.11 -1.88
CA PHE D 237 -7.97 33.76 -0.99
C PHE D 237 -8.86 32.70 -1.65
N TYR D 238 -9.33 31.74 -0.86
CA TYR D 238 -10.17 30.64 -1.34
C TYR D 238 -11.58 30.79 -0.80
N GLY D 239 -12.54 31.01 -1.71
CA GLY D 239 -13.91 31.27 -1.31
C GLY D 239 -14.89 30.50 -2.17
N LEU D 240 -16.04 31.11 -2.47
CA LEU D 240 -17.04 30.43 -3.27
C LEU D 240 -16.69 30.63 -4.74
N SER D 241 -17.10 29.70 -5.59
CA SER D 241 -16.84 29.85 -7.03
C SER D 241 -17.88 30.75 -7.69
N GLU D 242 -17.64 31.11 -8.95
CA GLU D 242 -18.54 31.97 -9.70
C GLU D 242 -20.01 31.52 -9.66
N ASN D 243 -20.24 30.21 -9.66
CA ASN D 243 -21.60 29.64 -9.82
C ASN D 243 -22.44 29.52 -8.55
N ASP D 244 -21.78 29.64 -7.40
CA ASP D 244 -22.42 29.39 -6.12
C ASP D 244 -23.44 30.45 -5.81
N GLU D 245 -24.62 30.01 -5.36
CA GLU D 245 -25.67 30.92 -4.91
C GLU D 245 -25.11 31.87 -3.86
N TRP D 246 -25.47 33.13 -3.97
CA TRP D 246 -25.11 34.12 -2.96
C TRP D 246 -26.23 35.15 -2.88
N THR D 247 -26.83 35.26 -1.71
CA THR D 247 -27.97 36.14 -1.50
C THR D 247 -27.82 36.93 -0.19
N GLN D 248 -26.68 37.60 -0.07
CA GLN D 248 -26.37 38.41 1.10
C GLN D 248 -26.11 39.84 0.67
N ASP D 249 -26.34 40.80 1.56
CA ASP D 249 -26.08 42.20 1.23
C ASP D 249 -24.59 42.54 1.31
N ARG D 250 -23.84 42.05 0.31
CA ARG D 250 -22.42 42.37 0.12
C ARG D 250 -21.88 41.57 -1.06
N ALA D 251 -20.70 41.94 -1.55
CA ALA D 251 -20.14 41.30 -2.74
C ALA D 251 -19.84 39.81 -2.52
N LYS D 252 -20.11 38.98 -3.52
CA LYS D 252 -19.88 37.55 -3.37
C LYS D 252 -18.40 37.28 -3.11
N PRO D 253 -18.10 36.64 -1.96
CA PRO D 253 -16.71 36.36 -1.54
C PRO D 253 -16.05 35.24 -2.33
N VAL D 254 -15.82 35.50 -3.60
CA VAL D 254 -15.24 34.49 -4.48
C VAL D 254 -13.78 34.19 -4.14
N THR D 255 -13.28 33.07 -4.64
CA THR D 255 -11.85 32.83 -4.62
C THR D 255 -11.27 33.98 -5.42
N GLN D 256 -10.23 34.62 -4.90
CA GLN D 256 -9.70 35.85 -5.51
C GLN D 256 -8.39 36.30 -4.88
N ILE D 257 -7.58 37.00 -5.68
CA ILE D 257 -6.34 37.60 -5.21
C ILE D 257 -6.59 39.06 -4.79
N VAL D 258 -6.12 39.41 -3.61
CA VAL D 258 -6.14 40.79 -3.14
C VAL D 258 -4.70 41.26 -2.98
N SER D 259 -4.38 42.43 -3.52
CA SER D 259 -3.00 42.88 -3.49
C SER D 259 -2.84 44.38 -3.27
N ALA D 260 -1.72 44.76 -2.67
CA ALA D 260 -1.37 46.17 -2.46
C ALA D 260 0.05 46.46 -2.98
N GLU D 261 0.29 47.67 -3.47
CA GLU D 261 1.59 47.97 -4.09
C GLU D 261 2.42 49.05 -3.41
N ALA D 262 3.71 49.05 -3.72
CA ALA D 262 4.59 50.18 -3.40
C ALA D 262 5.72 50.29 -4.42
N TRP D 263 6.07 51.52 -4.77
CA TRP D 263 7.26 51.77 -5.58
C TRP D 263 8.41 52.38 -4.74
N GLY D 264 9.64 52.08 -5.12
CA GLY D 264 10.79 52.61 -4.42
C GLY D 264 10.83 54.12 -4.50
N ARG D 265 11.36 54.76 -3.45
CA ARG D 265 11.37 56.22 -3.37
C ARG D 265 12.79 56.71 -3.13
N ALA D 266 13.20 57.71 -3.91
CA ALA D 266 14.56 58.25 -3.85
C ALA D 266 14.89 58.87 -2.49
N ASP D 267 16.18 58.92 -2.18
CA ASP D 267 16.71 59.41 -0.88
C ASP D 267 15.91 58.99 0.37
C1 NAG E . 24.18 -29.81 -3.50
C2 NAG E . 25.21 -30.71 -4.17
C3 NAG E . 26.38 -30.92 -3.21
C4 NAG E . 26.99 -29.59 -2.83
C5 NAG E . 25.92 -28.67 -2.24
C6 NAG E . 26.43 -27.27 -1.99
C7 NAG E . 24.29 -32.23 -5.86
C8 NAG E . 23.70 -33.58 -6.11
N2 NAG E . 24.63 -31.97 -4.59
O3 NAG E . 27.37 -31.75 -3.85
O4 NAG E . 28.02 -29.77 -1.86
O5 NAG E . 24.81 -28.55 -3.14
O6 NAG E . 25.40 -26.29 -2.15
O7 NAG E . 24.44 -31.41 -6.75
#